data_1E3E
#
_entry.id   1E3E
#
_cell.length_a   81.275
_cell.length_b   82.900
_cell.length_c   105.528
_cell.angle_alpha   90.00
_cell.angle_beta   90.00
_cell.angle_gamma   90.00
#
_symmetry.space_group_name_H-M   'P 21 21 21'
#
loop_
_entity.id
_entity.type
_entity.pdbx_description
1 polymer 'ALCOHOL DEHYDROGENASE, CLASS II'
2 non-polymer '1,4-DIHYDRONICOTINAMIDE ADENINE DINUCLEOTIDE'
3 non-polymer 'ZINC ION'
4 water water
#
_entity_poly.entity_id   1
_entity_poly.type   'polypeptide(L)'
_entity_poly.pdbx_seq_one_letter_code
;GTQGKVIKCKAAIAWKTGSPLCIEEIEVSPPKACEVRIQVIATCVCPTDINATDPKKKALFPVVLGHECAGIVESVGPGV
TNFKPGDKVIPFFAPQCKRCKLCLSPLTNLCGKLRNFKYPTIDQELMEDRTSRFTCKGRSIYHFMGVSSFSQYTVVSEAN
LARVDDEANLERVCLIGCGFSSGYGAAINTAKVTPGSTCAVFGLGCVGLSAIIGCKIAGASRIIAIDINGEKFPKAKALG
ATDCLNPRELDKPVQDVITELTAGGVDYSLDCAGTAQTLKAAVDCTVLGWGSCTVVGAKVDEMTIPTVDVILGRSINGTF
FGGWKSVDSVPNLVSDYKNKKFDLDLLVTHALPFESINDAIDLMKEGKSIRTILTF
;
_entity_poly.pdbx_strand_id   A,B
#
loop_
_chem_comp.id
_chem_comp.type
_chem_comp.name
_chem_comp.formula
NAI non-polymer '1,4-DIHYDRONICOTINAMIDE ADENINE DINUCLEOTIDE' 'C21 H29 N7 O14 P2'
ZN non-polymer 'ZINC ION' 'Zn 2'
#
# COMPACT_ATOMS: atom_id res chain seq x y z
N GLY A 1 19.54 -13.74 -44.68
CA GLY A 1 18.70 -14.86 -44.17
C GLY A 1 19.50 -15.91 -43.42
N THR A 2 20.67 -16.24 -43.97
CA THR A 2 21.54 -17.24 -43.36
C THR A 2 22.44 -16.57 -42.32
N GLN A 3 23.01 -17.38 -41.43
CA GLN A 3 23.88 -16.89 -40.36
C GLN A 3 24.97 -15.93 -40.82
N GLY A 4 25.35 -15.01 -39.94
CA GLY A 4 26.40 -14.06 -40.26
C GLY A 4 26.08 -12.98 -41.28
N LYS A 5 24.94 -13.10 -41.95
CA LYS A 5 24.56 -12.11 -42.96
C LYS A 5 23.42 -11.19 -42.52
N VAL A 6 23.42 -9.99 -43.10
CA VAL A 6 22.38 -9.01 -42.82
C VAL A 6 21.14 -9.45 -43.58
N ILE A 7 19.98 -9.31 -42.95
CA ILE A 7 18.73 -9.72 -43.58
C ILE A 7 17.91 -8.50 -44.01
N LYS A 8 17.13 -8.66 -45.06
CA LYS A 8 16.28 -7.60 -45.56
C LYS A 8 14.87 -8.16 -45.42
N CYS A 9 14.00 -7.45 -44.72
CA CYS A 9 12.62 -7.94 -44.52
C CYS A 9 11.63 -6.82 -44.29
N LYS A 10 10.35 -7.19 -44.18
CA LYS A 10 9.30 -6.20 -43.94
C LYS A 10 9.20 -5.80 -42.47
N ALA A 11 8.65 -4.62 -42.22
CA ALA A 11 8.47 -4.12 -40.86
C ALA A 11 7.58 -2.89 -40.85
N ALA A 12 7.22 -2.43 -39.66
CA ALA A 12 6.37 -1.26 -39.50
C ALA A 12 7.12 -0.25 -38.62
N ILE A 13 7.41 0.92 -39.17
CA ILE A 13 8.15 1.94 -38.43
C ILE A 13 7.33 3.18 -38.10
N ALA A 14 7.63 3.79 -36.96
CA ALA A 14 6.98 5.00 -36.52
C ALA A 14 8.02 6.11 -36.67
N TRP A 15 7.91 6.90 -37.74
CA TRP A 15 8.87 7.97 -37.97
C TRP A 15 8.74 9.12 -36.99
N LYS A 16 7.53 9.39 -36.53
CA LYS A 16 7.28 10.45 -35.55
C LYS A 16 5.93 10.26 -34.87
N THR A 17 5.72 11.00 -33.77
CA THR A 17 4.49 10.90 -32.99
C THR A 17 3.20 11.28 -33.73
N GLY A 18 2.08 10.93 -33.09
CA GLY A 18 0.77 11.23 -33.65
C GLY A 18 0.57 10.85 -35.10
N SER A 19 1.29 9.83 -35.56
CA SER A 19 1.17 9.40 -36.95
C SER A 19 0.96 7.90 -37.07
N PRO A 20 0.44 7.44 -38.22
CA PRO A 20 0.19 6.03 -38.47
C PRO A 20 1.49 5.31 -38.83
N LEU A 21 1.48 3.98 -38.78
CA LEU A 21 2.67 3.20 -39.06
C LEU A 21 2.87 2.96 -40.56
N CYS A 22 4.12 3.03 -41.01
CA CYS A 22 4.46 2.81 -42.41
C CYS A 22 5.15 1.47 -42.62
N ILE A 23 4.80 0.80 -43.72
CA ILE A 23 5.39 -0.49 -44.05
C ILE A 23 6.65 -0.22 -44.88
N GLU A 24 7.80 -0.65 -44.37
CA GLU A 24 9.07 -0.45 -45.06
C GLU A 24 9.89 -1.73 -45.17
N GLU A 25 11.01 -1.64 -45.88
CA GLU A 25 11.93 -2.75 -46.04
C GLU A 25 13.16 -2.34 -45.25
N ILE A 26 13.59 -3.18 -44.31
CA ILE A 26 14.76 -2.84 -43.50
C ILE A 26 15.85 -3.91 -43.48
N GLU A 27 16.98 -3.55 -42.87
CA GLU A 27 18.11 -4.46 -42.75
C GLU A 27 18.35 -4.79 -41.28
N VAL A 28 18.29 -6.08 -40.97
CA VAL A 28 18.52 -6.54 -39.61
C VAL A 28 19.88 -7.24 -39.53
N SER A 29 20.79 -6.64 -38.76
CA SER A 29 22.13 -7.18 -38.60
C SER A 29 22.13 -8.49 -37.81
N PRO A 30 23.26 -9.22 -37.82
CA PRO A 30 23.39 -10.48 -37.10
C PRO A 30 23.62 -10.25 -35.61
N PRO A 31 23.28 -11.24 -34.77
CA PRO A 31 23.45 -11.13 -33.32
C PRO A 31 24.89 -11.13 -32.82
N LYS A 32 25.16 -10.32 -31.80
CA LYS A 32 26.49 -10.24 -31.21
C LYS A 32 26.53 -11.12 -29.96
N ALA A 33 27.60 -11.04 -29.19
CA ALA A 33 27.75 -11.83 -27.98
C ALA A 33 26.53 -11.66 -27.06
N CYS A 34 26.02 -12.78 -26.54
CA CYS A 34 24.88 -12.78 -25.64
C CYS A 34 23.58 -12.24 -26.26
N GLU A 35 23.41 -12.41 -27.57
CA GLU A 35 22.21 -11.96 -28.28
C GLU A 35 21.64 -13.09 -29.14
N VAL A 36 20.35 -13.03 -29.44
CA VAL A 36 19.68 -14.05 -30.25
C VAL A 36 18.79 -13.39 -31.31
N ARG A 37 18.82 -13.91 -32.54
CA ARG A 37 17.98 -13.37 -33.62
C ARG A 37 16.80 -14.30 -33.88
N ILE A 38 15.60 -13.75 -33.76
CA ILE A 38 14.37 -14.52 -33.92
C ILE A 38 13.55 -14.19 -35.16
N GLN A 39 12.86 -15.20 -35.68
CA GLN A 39 11.97 -15.02 -36.81
C GLN A 39 10.62 -14.91 -36.11
N VAL A 40 9.96 -13.76 -36.24
CA VAL A 40 8.66 -13.57 -35.60
C VAL A 40 7.54 -14.26 -36.41
N ILE A 41 6.78 -15.13 -35.74
CA ILE A 41 5.70 -15.86 -36.38
C ILE A 41 4.32 -15.19 -36.23
N ALA A 42 3.99 -14.74 -35.01
CA ALA A 42 2.70 -14.08 -34.77
C ALA A 42 2.85 -12.98 -33.72
N THR A 43 2.12 -11.87 -33.89
CA THR A 43 2.19 -10.75 -32.95
C THR A 43 0.87 -9.98 -32.81
N CYS A 44 0.71 -9.32 -31.66
CA CYS A 44 -0.51 -8.53 -31.38
C CYS A 44 -0.18 -7.09 -31.06
N VAL A 45 -1.21 -6.26 -31.04
CA VAL A 45 -1.03 -4.85 -30.69
C VAL A 45 -1.53 -4.67 -29.26
N CYS A 46 -0.75 -3.97 -28.45
CA CYS A 46 -1.10 -3.71 -27.05
C CYS A 46 -1.18 -2.20 -26.82
N PRO A 47 -2.12 -1.75 -25.97
CA PRO A 47 -2.28 -0.32 -25.68
C PRO A 47 -0.98 0.41 -25.32
N THR A 48 0.02 -0.34 -24.85
CA THR A 48 1.29 0.29 -24.49
C THR A 48 2.03 0.76 -25.75
N ASP A 49 1.83 0.03 -26.86
CA ASP A 49 2.46 0.39 -28.13
C ASP A 49 1.82 1.68 -28.65
N ILE A 50 0.49 1.73 -28.65
CA ILE A 50 -0.26 2.89 -29.11
C ILE A 50 0.03 4.12 -28.26
N ASN A 51 0.17 3.87 -26.95
CA ASN A 51 0.44 4.94 -26.01
C ASN A 51 1.68 5.71 -26.46
N ALA A 52 2.58 5.02 -27.14
CA ALA A 52 3.82 5.63 -27.62
C ALA A 52 3.58 6.65 -28.73
N THR A 53 2.47 6.51 -29.44
CA THR A 53 2.15 7.44 -30.53
C THR A 53 1.42 8.67 -30.05
N ASP A 54 1.18 8.77 -28.75
CA ASP A 54 0.46 9.91 -28.18
C ASP A 54 1.40 11.07 -27.91
N PRO A 55 1.15 12.22 -28.57
CA PRO A 55 1.95 13.46 -28.45
C PRO A 55 2.14 14.00 -27.04
N LYS A 56 1.22 13.69 -26.13
CA LYS A 56 1.32 14.15 -24.76
C LYS A 56 2.17 13.23 -23.89
N LYS A 57 2.74 12.19 -24.49
CA LYS A 57 3.57 11.24 -23.77
C LYS A 57 5.03 11.32 -24.21
N LYS A 58 5.92 10.75 -23.41
CA LYS A 58 7.34 10.76 -23.72
C LYS A 58 7.74 9.50 -24.47
N ALA A 59 8.46 9.66 -25.58
CA ALA A 59 8.90 8.52 -26.41
C ALA A 59 10.03 8.91 -27.37
N LEU A 60 10.61 7.92 -28.03
CA LEU A 60 11.71 8.17 -28.97
C LEU A 60 11.38 7.73 -30.40
N PHE A 61 11.93 8.45 -31.38
CA PHE A 61 11.70 8.18 -32.80
C PHE A 61 12.96 8.42 -33.61
N PRO A 62 13.13 7.70 -34.74
CA PRO A 62 12.19 6.70 -35.27
C PRO A 62 12.42 5.38 -34.51
N VAL A 63 11.36 4.58 -34.40
CA VAL A 63 11.43 3.32 -33.65
C VAL A 63 10.57 2.18 -34.22
N VAL A 64 10.94 0.95 -33.86
CA VAL A 64 10.19 -0.24 -34.25
C VAL A 64 9.45 -0.69 -32.99
N LEU A 65 8.12 -0.55 -32.99
CA LEU A 65 7.31 -0.91 -31.84
C LEU A 65 6.98 -2.40 -31.76
N GLY A 66 6.13 -2.77 -30.81
CA GLY A 66 5.74 -4.17 -30.62
C GLY A 66 6.49 -4.88 -29.50
N HIS A 67 5.76 -5.58 -28.63
CA HIS A 67 6.39 -6.32 -27.52
C HIS A 67 5.67 -7.61 -27.08
N GLU A 68 4.56 -7.95 -27.73
CA GLU A 68 3.78 -9.17 -27.42
C GLU A 68 3.85 -10.08 -28.65
N CYS A 69 4.65 -11.17 -28.56
CA CYS A 69 4.82 -12.09 -29.69
C CYS A 69 5.42 -13.48 -29.36
N ALA A 70 5.58 -14.31 -30.40
CA ALA A 70 6.16 -15.65 -30.28
C ALA A 70 6.86 -16.00 -31.61
N GLY A 71 7.94 -16.79 -31.56
CA GLY A 71 8.64 -17.14 -32.78
C GLY A 71 9.62 -18.30 -32.77
N ILE A 72 10.58 -18.27 -33.71
CA ILE A 72 11.58 -19.32 -33.88
C ILE A 72 13.00 -18.75 -34.05
N VAL A 73 13.97 -19.41 -33.43
CA VAL A 73 15.36 -18.96 -33.50
C VAL A 73 16.02 -19.17 -34.87
N GLU A 74 16.58 -18.10 -35.42
CA GLU A 74 17.25 -18.16 -36.71
C GLU A 74 18.75 -18.40 -36.53
N SER A 75 19.38 -17.64 -35.63
CA SER A 75 20.81 -17.78 -35.34
C SER A 75 21.14 -17.19 -33.96
N VAL A 76 22.28 -17.56 -33.39
CA VAL A 76 22.68 -17.05 -32.08
C VAL A 76 24.09 -16.45 -32.11
N GLY A 77 24.35 -15.52 -31.19
CA GLY A 77 25.67 -14.89 -31.14
C GLY A 77 26.79 -15.74 -30.58
N PRO A 78 28.04 -15.25 -30.65
CA PRO A 78 29.24 -15.93 -30.16
C PRO A 78 29.20 -16.27 -28.67
N GLY A 79 29.47 -17.52 -28.33
CA GLY A 79 29.48 -17.93 -26.94
C GLY A 79 28.14 -18.28 -26.35
N VAL A 80 27.11 -18.38 -27.17
CA VAL A 80 25.76 -18.72 -26.70
C VAL A 80 25.52 -20.21 -26.84
N THR A 81 25.04 -20.85 -25.77
CA THR A 81 24.80 -22.29 -25.80
C THR A 81 23.43 -22.75 -25.26
N ASN A 82 22.62 -21.84 -24.72
CA ASN A 82 21.32 -22.24 -24.21
C ASN A 82 20.21 -22.14 -25.26
N PHE A 83 20.58 -21.71 -26.45
CA PHE A 83 19.63 -21.56 -27.55
C PHE A 83 20.29 -22.06 -28.85
N LYS A 84 19.48 -22.53 -29.79
CA LYS A 84 19.99 -23.01 -31.07
C LYS A 84 18.91 -22.86 -32.12
N PRO A 85 19.29 -22.85 -33.42
CA PRO A 85 18.31 -22.70 -34.49
C PRO A 85 17.24 -23.77 -34.39
N GLY A 86 15.99 -23.38 -34.63
CA GLY A 86 14.90 -24.34 -34.57
C GLY A 86 14.05 -24.29 -33.32
N ASP A 87 14.63 -23.83 -32.21
CA ASP A 87 13.90 -23.74 -30.95
C ASP A 87 12.77 -22.68 -31.00
N LYS A 88 11.64 -23.00 -30.37
CA LYS A 88 10.51 -22.08 -30.29
C LYS A 88 10.69 -21.23 -29.02
N VAL A 89 10.50 -19.92 -29.13
CA VAL A 89 10.69 -19.00 -27.99
C VAL A 89 9.66 -17.88 -27.83
N ILE A 90 9.67 -17.26 -26.65
CA ILE A 90 8.79 -16.14 -26.31
C ILE A 90 9.62 -15.08 -25.57
N PRO A 91 9.74 -13.87 -26.14
CA PRO A 91 10.49 -12.78 -25.51
C PRO A 91 9.57 -11.92 -24.64
N PHE A 92 10.13 -11.00 -23.85
CA PHE A 92 9.32 -10.15 -22.98
C PHE A 92 10.09 -8.92 -22.49
N PHE A 93 9.37 -7.92 -21.98
CA PHE A 93 10.02 -6.69 -21.51
C PHE A 93 10.67 -6.79 -20.12
N ALA A 94 10.23 -7.77 -19.31
CA ALA A 94 10.78 -7.95 -17.96
C ALA A 94 11.90 -9.01 -17.94
N PRO A 95 13.17 -8.56 -17.87
CA PRO A 95 14.32 -9.47 -17.86
C PRO A 95 14.57 -10.22 -16.55
N GLN A 96 15.38 -11.28 -16.63
CA GLN A 96 15.76 -12.08 -15.47
C GLN A 96 17.21 -12.55 -15.69
N CYS A 97 18.19 -11.74 -15.30
CA CYS A 97 19.59 -12.12 -15.50
C CYS A 97 20.02 -13.27 -14.60
N LYS A 98 19.31 -13.46 -13.48
CA LYS A 98 19.60 -14.50 -12.50
C LYS A 98 20.90 -14.22 -11.73
N ARG A 99 21.55 -13.10 -12.04
CA ARG A 99 22.82 -12.77 -11.40
C ARG A 99 22.87 -11.41 -10.68
N CYS A 100 21.83 -11.08 -9.92
CA CYS A 100 21.81 -9.82 -9.18
C CYS A 100 20.95 -9.93 -7.91
N LYS A 101 21.11 -8.96 -7.00
CA LYS A 101 20.36 -8.93 -5.75
C LYS A 101 18.84 -9.06 -5.92
N LEU A 102 18.28 -8.32 -6.87
CA LEU A 102 16.84 -8.35 -7.13
C LEU A 102 16.37 -9.73 -7.65
N CYS A 103 17.13 -10.32 -8.57
CA CYS A 103 16.78 -11.63 -9.13
C CYS A 103 16.81 -12.74 -8.05
N LEU A 104 17.59 -12.54 -7.00
CA LEU A 104 17.72 -13.52 -5.92
C LEU A 104 16.59 -13.52 -4.88
N SER A 105 15.93 -12.37 -4.72
CA SER A 105 14.85 -12.25 -3.74
C SER A 105 13.49 -12.79 -4.17
N PRO A 106 12.83 -13.56 -3.31
CA PRO A 106 11.51 -14.09 -3.68
C PRO A 106 10.41 -13.04 -3.50
N LEU A 107 10.79 -11.84 -3.05
CA LEU A 107 9.84 -10.75 -2.82
C LEU A 107 9.57 -9.81 -4.00
N THR A 108 10.25 -10.03 -5.13
CA THR A 108 10.06 -9.17 -6.29
C THR A 108 10.48 -9.88 -7.60
N ASN A 109 10.05 -9.33 -8.73
CA ASN A 109 10.42 -9.90 -10.02
C ASN A 109 11.19 -8.90 -10.91
N LEU A 110 11.65 -7.80 -10.31
CA LEU A 110 12.44 -6.80 -11.05
C LEU A 110 13.87 -7.35 -11.20
N CYS A 111 14.68 -6.69 -12.03
CA CYS A 111 16.07 -7.11 -12.28
C CYS A 111 16.98 -5.88 -12.41
N GLY A 112 18.24 -6.04 -12.00
CA GLY A 112 19.20 -4.95 -12.08
C GLY A 112 19.46 -4.44 -13.47
N LYS A 113 19.04 -5.18 -14.48
CA LYS A 113 19.23 -4.79 -15.88
C LYS A 113 18.49 -3.49 -16.23
N LEU A 114 17.38 -3.21 -15.54
CA LEU A 114 16.60 -2.00 -15.80
C LEU A 114 17.33 -0.75 -15.27
N ARG A 115 17.20 0.36 -16.00
CA ARG A 115 17.88 1.61 -15.61
C ARG A 115 16.97 2.81 -15.30
N ASN A 116 15.90 3.00 -16.07
CA ASN A 116 14.99 4.12 -15.86
C ASN A 116 13.78 3.73 -15.04
N PHE A 117 13.62 4.33 -13.86
CA PHE A 117 12.50 4.01 -12.98
C PHE A 117 11.38 5.04 -12.98
N LYS A 118 11.52 6.08 -13.81
CA LYS A 118 10.49 7.12 -13.90
C LYS A 118 9.76 6.97 -15.24
N TYR A 119 10.46 6.44 -16.23
CA TYR A 119 9.89 6.25 -17.55
C TYR A 119 10.39 4.94 -18.17
N PRO A 120 9.88 3.80 -17.70
CA PRO A 120 10.28 2.49 -18.21
C PRO A 120 9.97 2.26 -19.69
N THR A 121 9.00 3.00 -20.23
CA THR A 121 8.61 2.82 -21.63
C THR A 121 9.66 3.27 -22.64
N ILE A 122 10.68 3.99 -22.16
CA ILE A 122 11.75 4.46 -23.04
C ILE A 122 13.08 3.83 -22.68
N ASP A 123 13.05 2.86 -21.76
CA ASP A 123 14.27 2.16 -21.34
C ASP A 123 14.45 0.99 -22.31
N GLN A 124 15.64 0.39 -22.31
CA GLN A 124 15.95 -0.74 -23.19
C GLN A 124 15.68 -0.37 -24.67
N GLU A 125 16.11 0.84 -25.05
CA GLU A 125 15.91 1.34 -26.41
C GLU A 125 17.04 1.00 -27.39
N LEU A 126 18.10 0.38 -26.87
CA LEU A 126 19.26 -0.03 -27.67
C LEU A 126 19.85 -1.28 -27.01
N MET A 127 20.79 -1.95 -27.67
CA MET A 127 21.40 -3.14 -27.09
C MET A 127 22.44 -2.75 -26.03
N GLU A 128 22.98 -3.74 -25.34
CA GLU A 128 23.97 -3.50 -24.29
C GLU A 128 25.14 -2.59 -24.69
N ASP A 129 25.73 -2.82 -25.86
CA ASP A 129 26.84 -1.99 -26.30
C ASP A 129 26.40 -0.61 -26.76
N ARG A 130 25.13 -0.31 -26.55
CA ARG A 130 24.54 0.98 -26.89
C ARG A 130 24.43 1.28 -28.39
N THR A 131 24.22 0.24 -29.20
CA THR A 131 24.06 0.40 -30.64
C THR A 131 22.79 -0.30 -31.09
N SER A 132 22.33 -0.01 -32.31
CA SER A 132 21.11 -0.60 -32.87
C SER A 132 21.37 -1.65 -33.95
N ARG A 133 20.44 -2.61 -34.07
CA ARG A 133 20.56 -3.66 -35.08
C ARG A 133 19.66 -3.35 -36.28
N PHE A 134 18.95 -2.22 -36.22
CA PHE A 134 18.03 -1.82 -37.29
C PHE A 134 18.54 -0.66 -38.15
N THR A 135 18.27 -0.74 -39.45
CA THR A 135 18.66 0.28 -40.41
C THR A 135 17.65 0.37 -41.55
N CYS A 136 17.29 1.58 -41.95
CA CYS A 136 16.32 1.78 -43.03
C CYS A 136 16.57 3.14 -43.71
N LYS A 137 16.79 3.09 -45.02
CA LYS A 137 17.05 4.29 -45.80
C LYS A 137 18.20 5.09 -45.20
N GLY A 138 19.25 4.37 -44.82
CA GLY A 138 20.42 4.99 -44.23
C GLY A 138 20.34 5.30 -42.75
N ARG A 139 19.17 5.74 -42.29
CA ARG A 139 19.00 6.08 -40.88
C ARG A 139 18.89 4.90 -39.92
N SER A 140 19.42 5.08 -38.72
CA SER A 140 19.40 4.06 -37.68
C SER A 140 18.07 4.14 -36.92
N ILE A 141 17.49 2.99 -36.61
CA ILE A 141 16.18 2.95 -35.92
C ILE A 141 16.22 2.41 -34.48
N TYR A 142 15.45 3.03 -33.59
CA TYR A 142 15.38 2.62 -32.18
C TYR A 142 14.64 1.30 -31.96
N HIS A 143 14.97 0.64 -30.84
CA HIS A 143 14.32 -0.61 -30.42
C HIS A 143 13.24 -0.21 -29.42
N PHE A 144 12.32 -1.12 -29.09
CA PHE A 144 11.25 -0.79 -28.14
C PHE A 144 11.11 -1.78 -26.98
N MET A 145 11.34 -1.29 -25.77
CA MET A 145 11.23 -2.10 -24.56
C MET A 145 11.88 -3.48 -24.67
N GLY A 146 13.04 -3.52 -25.31
CA GLY A 146 13.79 -4.76 -25.47
C GLY A 146 13.21 -5.85 -26.36
N VAL A 147 12.13 -5.56 -27.10
CA VAL A 147 11.51 -6.56 -27.97
C VAL A 147 11.40 -6.19 -29.46
N SER A 148 10.62 -5.16 -29.78
CA SER A 148 10.41 -4.73 -31.18
C SER A 148 9.91 -5.89 -32.06
N SER A 149 8.66 -6.29 -31.86
CA SER A 149 8.10 -7.41 -32.63
C SER A 149 7.41 -7.07 -33.95
N PHE A 150 7.36 -5.78 -34.31
CA PHE A 150 6.72 -5.39 -35.58
C PHE A 150 7.73 -5.46 -36.74
N SER A 151 8.40 -6.60 -36.86
CA SER A 151 9.40 -6.86 -37.91
C SER A 151 9.55 -8.39 -38.02
N GLN A 152 9.74 -8.89 -39.24
CA GLN A 152 9.85 -10.33 -39.43
C GLN A 152 11.02 -10.95 -38.68
N TYR A 153 12.09 -10.18 -38.49
CA TYR A 153 13.25 -10.65 -37.74
C TYR A 153 13.68 -9.56 -36.77
N THR A 154 13.94 -9.97 -35.52
CA THR A 154 14.38 -9.03 -34.50
C THR A 154 15.52 -9.66 -33.70
N VAL A 155 16.20 -8.85 -32.89
CA VAL A 155 17.31 -9.33 -32.07
C VAL A 155 17.14 -8.92 -30.61
N VAL A 156 17.22 -9.90 -29.71
CA VAL A 156 17.06 -9.62 -28.28
C VAL A 156 18.16 -10.18 -27.39
N SER A 157 18.22 -9.65 -26.17
CA SER A 157 19.21 -10.06 -25.17
C SER A 157 18.81 -11.41 -24.59
N GLU A 158 19.79 -12.23 -24.23
CA GLU A 158 19.52 -13.54 -23.65
C GLU A 158 18.68 -13.43 -22.39
N ALA A 159 18.80 -12.30 -21.68
CA ALA A 159 18.04 -12.11 -20.46
C ALA A 159 16.58 -11.73 -20.73
N ASN A 160 16.23 -11.54 -21.99
CA ASN A 160 14.86 -11.18 -22.34
C ASN A 160 14.04 -12.21 -23.13
N LEU A 161 14.31 -13.50 -22.93
CA LEU A 161 13.54 -14.55 -23.61
C LEU A 161 13.69 -15.95 -22.98
N ALA A 162 12.76 -16.84 -23.31
CA ALA A 162 12.76 -18.22 -22.81
C ALA A 162 12.36 -19.25 -23.90
N ARG A 163 12.94 -20.45 -23.81
CA ARG A 163 12.60 -21.50 -24.76
C ARG A 163 11.35 -22.20 -24.23
N VAL A 164 10.46 -22.60 -25.13
CA VAL A 164 9.22 -23.27 -24.73
C VAL A 164 9.01 -24.61 -25.45
N ASP A 165 7.92 -25.30 -25.13
CA ASP A 165 7.59 -26.60 -25.71
C ASP A 165 7.66 -26.63 -27.24
N ASP A 166 8.27 -27.69 -27.77
CA ASP A 166 8.44 -27.85 -29.21
C ASP A 166 7.14 -27.95 -30.00
N GLU A 167 6.06 -28.34 -29.33
CA GLU A 167 4.76 -28.48 -29.99
C GLU A 167 3.75 -27.39 -29.65
N ALA A 168 4.24 -26.22 -29.23
CA ALA A 168 3.35 -25.12 -28.87
C ALA A 168 2.79 -24.41 -30.11
N ASN A 169 1.52 -24.00 -30.04
CA ASN A 169 0.86 -23.29 -31.13
C ASN A 169 1.24 -21.81 -31.04
N LEU A 170 2.27 -21.42 -31.76
CA LEU A 170 2.77 -20.05 -31.74
C LEU A 170 1.72 -18.97 -32.05
N GLU A 171 0.65 -19.32 -32.75
CA GLU A 171 -0.39 -18.34 -33.06
C GLU A 171 -1.35 -18.08 -31.90
N ARG A 172 -1.05 -18.65 -30.74
CA ARG A 172 -1.89 -18.44 -29.55
C ARG A 172 -1.03 -18.21 -28.29
N VAL A 173 0.07 -18.94 -28.17
CA VAL A 173 0.93 -18.78 -27.00
C VAL A 173 1.58 -17.39 -26.98
N CYS A 174 1.44 -16.67 -28.09
CA CYS A 174 2.00 -15.33 -28.20
C CYS A 174 1.35 -14.36 -27.18
N LEU A 175 0.17 -14.72 -26.69
CA LEU A 175 -0.54 -13.91 -25.70
C LEU A 175 0.16 -13.93 -24.35
N ILE A 176 1.04 -14.91 -24.15
CA ILE A 176 1.80 -15.05 -22.91
C ILE A 176 2.92 -14.02 -22.87
N GLY A 177 3.21 -13.40 -24.02
CA GLY A 177 4.24 -12.38 -24.11
C GLY A 177 4.00 -11.14 -23.26
N CYS A 178 2.74 -10.82 -22.96
CA CYS A 178 2.44 -9.63 -22.14
C CYS A 178 1.07 -9.62 -21.45
N GLY A 179 0.02 -9.45 -22.24
CA GLY A 179 -1.33 -9.36 -21.71
C GLY A 179 -1.89 -10.42 -20.76
N PHE A 180 -1.95 -11.66 -21.21
CA PHE A 180 -2.48 -12.73 -20.36
C PHE A 180 -1.68 -12.86 -19.07
N SER A 181 -0.36 -13.02 -19.19
CA SER A 181 0.50 -13.18 -18.03
C SER A 181 0.35 -12.07 -16.98
N SER A 182 0.29 -10.82 -17.45
CA SER A 182 0.16 -9.69 -16.55
C SER A 182 -1.11 -9.69 -15.71
N GLY A 183 -2.25 -10.02 -16.31
CA GLY A 183 -3.50 -10.06 -15.55
C GLY A 183 -3.65 -11.27 -14.66
N TYR A 184 -3.32 -12.45 -15.20
CA TYR A 184 -3.41 -13.72 -14.49
C TYR A 184 -2.54 -13.67 -13.22
N GLY A 185 -1.29 -13.25 -13.40
CA GLY A 185 -0.35 -13.16 -12.29
C GLY A 185 -0.66 -12.09 -11.26
N ALA A 186 -1.24 -10.98 -11.70
CA ALA A 186 -1.61 -9.89 -10.79
C ALA A 186 -2.54 -10.44 -9.69
N ALA A 187 -3.47 -11.29 -10.10
CA ALA A 187 -4.40 -11.88 -9.15
C ALA A 187 -3.71 -12.92 -8.25
N ILE A 188 -2.99 -13.85 -8.87
CA ILE A 188 -2.32 -14.92 -8.13
C ILE A 188 -1.10 -14.52 -7.29
N ASN A 189 -0.16 -13.79 -7.87
CA ASN A 189 1.06 -13.38 -7.17
C ASN A 189 1.02 -12.05 -6.41
N THR A 190 0.60 -10.99 -7.10
CA THR A 190 0.57 -9.65 -6.50
C THR A 190 -0.54 -9.41 -5.48
N ALA A 191 -1.78 -9.65 -5.84
CA ALA A 191 -2.88 -9.45 -4.91
C ALA A 191 -2.94 -10.61 -3.91
N LYS A 192 -2.55 -11.79 -4.35
CA LYS A 192 -2.55 -12.99 -3.50
C LYS A 192 -3.97 -13.37 -3.06
N VAL A 193 -4.84 -13.58 -4.03
CA VAL A 193 -6.23 -13.95 -3.77
C VAL A 193 -6.31 -15.30 -3.03
N THR A 194 -7.26 -15.42 -2.10
CA THR A 194 -7.41 -16.64 -1.31
C THR A 194 -8.79 -17.31 -1.45
N PRO A 195 -8.87 -18.61 -1.12
CA PRO A 195 -10.11 -19.40 -1.21
C PRO A 195 -11.28 -18.79 -0.41
N GLY A 196 -12.44 -18.71 -1.04
CA GLY A 196 -13.62 -18.17 -0.36
C GLY A 196 -13.79 -16.67 -0.30
N SER A 197 -12.82 -15.91 -0.82
CA SER A 197 -12.87 -14.44 -0.79
C SER A 197 -13.74 -13.79 -1.87
N THR A 198 -13.96 -12.48 -1.72
CA THR A 198 -14.75 -11.69 -2.68
C THR A 198 -13.79 -10.73 -3.40
N CYS A 199 -13.90 -10.65 -4.73
CA CYS A 199 -13.04 -9.80 -5.54
C CYS A 199 -13.80 -8.83 -6.47
N ALA A 200 -13.11 -7.77 -6.90
CA ALA A 200 -13.67 -6.77 -7.82
C ALA A 200 -12.61 -6.37 -8.86
N VAL A 201 -12.95 -6.48 -10.14
CA VAL A 201 -12.04 -6.15 -11.23
C VAL A 201 -12.57 -5.01 -12.11
N PHE A 202 -11.81 -3.92 -12.22
CA PHE A 202 -12.19 -2.75 -13.03
C PHE A 202 -11.48 -2.79 -14.40
N GLY A 203 -12.26 -2.79 -15.48
CA GLY A 203 -11.69 -2.85 -16.81
C GLY A 203 -11.78 -4.28 -17.32
N LEU A 204 -12.50 -4.49 -18.42
CA LEU A 204 -12.70 -5.83 -18.96
C LEU A 204 -12.07 -6.15 -20.31
N GLY A 205 -10.84 -5.71 -20.50
CA GLY A 205 -10.13 -6.00 -21.74
C GLY A 205 -9.37 -7.30 -21.53
N CYS A 206 -8.33 -7.53 -22.33
CA CYS A 206 -7.53 -8.74 -22.20
C CYS A 206 -6.96 -8.87 -20.78
N VAL A 207 -6.41 -7.78 -20.24
CA VAL A 207 -5.83 -7.82 -18.89
C VAL A 207 -6.87 -8.13 -17.81
N GLY A 208 -7.96 -7.35 -17.78
CA GLY A 208 -9.01 -7.58 -16.81
C GLY A 208 -9.63 -8.98 -16.90
N LEU A 209 -9.81 -9.49 -18.11
CA LEU A 209 -10.38 -10.83 -18.28
C LEU A 209 -9.42 -11.90 -17.76
N SER A 210 -8.13 -11.68 -17.95
CA SER A 210 -7.14 -12.64 -17.48
C SER A 210 -7.08 -12.62 -15.95
N ALA A 211 -7.38 -11.47 -15.37
CA ALA A 211 -7.40 -11.31 -13.92
C ALA A 211 -8.59 -12.11 -13.34
N ILE A 212 -9.69 -12.15 -14.09
CA ILE A 212 -10.87 -12.90 -13.65
C ILE A 212 -10.53 -14.40 -13.67
N ILE A 213 -9.80 -14.83 -14.69
CA ILE A 213 -9.40 -16.23 -14.80
C ILE A 213 -8.56 -16.56 -13.57
N GLY A 214 -7.60 -15.69 -13.27
CA GLY A 214 -6.74 -15.88 -12.11
C GLY A 214 -7.47 -15.95 -10.78
N CYS A 215 -8.46 -15.09 -10.59
CA CYS A 215 -9.23 -15.07 -9.36
C CYS A 215 -10.01 -16.37 -9.19
N LYS A 216 -10.54 -16.90 -10.29
CA LYS A 216 -11.31 -18.15 -10.22
C LYS A 216 -10.41 -19.32 -9.88
N ILE A 217 -9.24 -19.37 -10.52
CA ILE A 217 -8.28 -20.45 -10.26
C ILE A 217 -7.77 -20.37 -8.82
N ALA A 218 -7.75 -19.16 -8.25
CA ALA A 218 -7.30 -18.99 -6.87
C ALA A 218 -8.41 -19.32 -5.88
N GLY A 219 -9.61 -19.62 -6.39
CA GLY A 219 -10.71 -20.01 -5.52
C GLY A 219 -11.67 -18.99 -4.92
N ALA A 220 -11.78 -17.80 -5.50
CA ALA A 220 -12.70 -16.80 -4.96
C ALA A 220 -14.14 -17.29 -5.13
N SER A 221 -15.02 -16.95 -4.19
CA SER A 221 -16.41 -17.38 -4.29
C SER A 221 -17.33 -16.34 -4.96
N ARG A 222 -16.86 -15.09 -5.07
CA ARG A 222 -17.66 -14.02 -5.71
C ARG A 222 -16.73 -13.05 -6.46
N ILE A 223 -17.08 -12.74 -7.70
CA ILE A 223 -16.27 -11.86 -8.54
C ILE A 223 -17.14 -10.80 -9.25
N ILE A 224 -16.93 -9.54 -8.91
CA ILE A 224 -17.68 -8.43 -9.50
C ILE A 224 -16.92 -7.74 -10.64
N ALA A 225 -17.51 -7.75 -11.84
CA ALA A 225 -16.89 -7.13 -13.02
C ALA A 225 -17.49 -5.73 -13.32
N ILE A 226 -16.61 -4.74 -13.47
CA ILE A 226 -17.03 -3.35 -13.73
C ILE A 226 -16.44 -2.77 -15.03
N ASP A 227 -17.29 -2.16 -15.85
CA ASP A 227 -16.86 -1.57 -17.11
C ASP A 227 -17.95 -0.62 -17.64
N ILE A 228 -17.53 0.50 -18.24
CA ILE A 228 -18.48 1.47 -18.79
C ILE A 228 -19.08 1.01 -20.12
N ASN A 229 -18.56 -0.09 -20.68
CA ASN A 229 -19.06 -0.66 -21.94
C ASN A 229 -19.71 -2.01 -21.66
N GLY A 230 -21.03 -2.01 -21.54
CA GLY A 230 -21.77 -3.23 -21.24
C GLY A 230 -21.59 -4.41 -22.18
N GLU A 231 -21.14 -4.15 -23.40
CA GLU A 231 -20.94 -5.21 -24.38
C GLU A 231 -19.81 -6.16 -23.98
N LYS A 232 -19.04 -5.78 -22.95
CA LYS A 232 -17.93 -6.59 -22.49
C LYS A 232 -18.31 -7.60 -21.40
N PHE A 233 -19.55 -7.52 -20.91
CA PHE A 233 -20.00 -8.40 -19.83
C PHE A 233 -20.15 -9.89 -20.16
N PRO A 234 -20.83 -10.23 -21.27
CA PRO A 234 -21.01 -11.65 -21.64
C PRO A 234 -19.72 -12.48 -21.62
N LYS A 235 -18.65 -11.91 -22.15
CA LYS A 235 -17.37 -12.61 -22.18
C LYS A 235 -16.79 -12.75 -20.77
N ALA A 236 -17.05 -11.76 -19.92
CA ALA A 236 -16.57 -11.79 -18.54
C ALA A 236 -17.29 -12.90 -17.77
N LYS A 237 -18.59 -13.05 -18.01
CA LYS A 237 -19.38 -14.07 -17.33
C LYS A 237 -18.95 -15.49 -17.74
N ALA A 238 -18.63 -15.67 -19.02
CA ALA A 238 -18.20 -16.98 -19.50
C ALA A 238 -16.89 -17.39 -18.83
N LEU A 239 -16.16 -16.40 -18.31
CA LEU A 239 -14.88 -16.68 -17.66
C LEU A 239 -14.91 -16.69 -16.13
N GLY A 240 -16.07 -16.46 -15.51
CA GLY A 240 -16.10 -16.51 -14.06
C GLY A 240 -16.78 -15.41 -13.25
N ALA A 241 -17.11 -14.29 -13.88
CA ALA A 241 -17.76 -13.19 -13.15
C ALA A 241 -19.18 -13.58 -12.71
N THR A 242 -19.54 -13.23 -11.48
CA THR A 242 -20.85 -13.54 -10.92
C THR A 242 -21.79 -12.33 -10.90
N ASP A 243 -21.21 -11.12 -10.96
CA ASP A 243 -21.98 -9.87 -10.96
C ASP A 243 -21.33 -8.91 -11.97
N CYS A 244 -22.13 -8.00 -12.53
CA CYS A 244 -21.64 -7.01 -13.49
C CYS A 244 -22.26 -5.63 -13.18
N LEU A 245 -21.49 -4.57 -13.37
CA LEU A 245 -21.99 -3.21 -13.10
C LEU A 245 -21.47 -2.17 -14.10
N ASN A 246 -22.35 -1.29 -14.56
CA ASN A 246 -21.96 -0.23 -15.49
C ASN A 246 -22.07 1.12 -14.75
N PRO A 247 -20.93 1.76 -14.45
CA PRO A 247 -20.95 3.04 -13.74
C PRO A 247 -21.85 4.09 -14.39
N ARG A 248 -21.95 4.05 -15.72
CA ARG A 248 -22.77 5.02 -16.47
C ARG A 248 -24.28 4.92 -16.25
N GLU A 249 -24.77 3.73 -15.92
CA GLU A 249 -26.20 3.54 -15.71
C GLU A 249 -26.63 3.51 -14.24
N LEU A 250 -25.73 3.92 -13.35
CA LEU A 250 -26.02 3.94 -11.91
C LEU A 250 -26.27 5.34 -11.37
N ASP A 251 -27.10 5.41 -10.32
CA ASP A 251 -27.45 6.67 -9.67
C ASP A 251 -26.39 7.09 -8.65
N LYS A 252 -25.84 6.12 -7.92
CA LYS A 252 -24.83 6.39 -6.92
C LYS A 252 -23.46 5.97 -7.42
N PRO A 253 -22.38 6.44 -6.76
CA PRO A 253 -21.04 6.06 -7.19
C PRO A 253 -20.95 4.54 -7.17
N VAL A 254 -20.33 3.96 -8.18
CA VAL A 254 -20.20 2.51 -8.27
C VAL A 254 -19.60 1.87 -7.01
N GLN A 255 -18.69 2.56 -6.33
CA GLN A 255 -18.10 1.99 -5.13
C GLN A 255 -19.13 1.87 -4.01
N ASP A 256 -20.04 2.85 -3.91
CA ASP A 256 -21.07 2.81 -2.88
C ASP A 256 -21.99 1.62 -3.14
N VAL A 257 -22.20 1.31 -4.42
CA VAL A 257 -23.05 0.19 -4.80
C VAL A 257 -22.38 -1.14 -4.40
N ILE A 258 -21.10 -1.26 -4.71
CA ILE A 258 -20.34 -2.47 -4.38
C ILE A 258 -20.36 -2.70 -2.87
N THR A 259 -20.16 -1.62 -2.12
CA THR A 259 -20.15 -1.71 -0.66
C THR A 259 -21.47 -2.24 -0.09
N GLU A 260 -22.59 -1.84 -0.71
CA GLU A 260 -23.92 -2.28 -0.28
C GLU A 260 -24.11 -3.77 -0.58
N LEU A 261 -23.80 -4.18 -1.80
CA LEU A 261 -23.95 -5.57 -2.22
C LEU A 261 -23.18 -6.57 -1.36
N THR A 262 -22.01 -6.17 -0.88
CA THR A 262 -21.19 -7.06 -0.08
C THR A 262 -21.32 -6.83 1.42
N ALA A 263 -22.07 -5.80 1.80
CA ALA A 263 -22.27 -5.47 3.21
C ALA A 263 -20.96 -5.07 3.87
N GLY A 264 -20.26 -4.11 3.25
CA GLY A 264 -18.99 -3.66 3.81
C GLY A 264 -17.87 -3.48 2.80
N GLY A 265 -17.87 -4.28 1.74
CA GLY A 265 -16.82 -4.18 0.73
C GLY A 265 -16.14 -5.50 0.41
N VAL A 266 -15.30 -5.50 -0.63
CA VAL A 266 -14.58 -6.71 -1.05
C VAL A 266 -13.23 -6.89 -0.37
N ASP A 267 -12.75 -8.13 -0.37
CA ASP A 267 -11.45 -8.45 0.22
C ASP A 267 -10.28 -7.98 -0.66
N TYR A 268 -10.45 -8.12 -1.98
CA TYR A 268 -9.41 -7.73 -2.95
C TYR A 268 -9.97 -7.01 -4.17
N SER A 269 -9.28 -5.95 -4.61
CA SER A 269 -9.69 -5.22 -5.81
C SER A 269 -8.48 -5.06 -6.73
N LEU A 270 -8.71 -5.14 -8.05
CA LEU A 270 -7.64 -4.97 -9.04
C LEU A 270 -8.09 -3.98 -10.12
N ASP A 271 -7.33 -2.90 -10.30
CA ASP A 271 -7.68 -1.90 -11.32
C ASP A 271 -6.95 -2.21 -12.61
N CYS A 272 -7.69 -2.68 -13.61
CA CYS A 272 -7.11 -3.01 -14.90
C CYS A 272 -7.57 -1.98 -15.95
N ALA A 273 -7.95 -0.80 -15.48
CA ALA A 273 -8.38 0.30 -16.36
C ALA A 273 -7.39 1.46 -16.21
N GLY A 274 -7.27 2.00 -15.00
CA GLY A 274 -6.30 3.06 -14.78
C GLY A 274 -6.67 4.54 -14.87
N THR A 275 -7.95 4.87 -14.79
CA THR A 275 -8.34 6.29 -14.84
C THR A 275 -8.41 6.88 -13.43
N ALA A 276 -8.50 8.20 -13.34
CA ALA A 276 -8.58 8.84 -12.03
C ALA A 276 -9.76 8.32 -11.22
N GLN A 277 -10.86 8.01 -11.89
CA GLN A 277 -12.04 7.53 -11.18
C GLN A 277 -11.96 6.05 -10.78
N THR A 278 -11.34 5.21 -11.61
CA THR A 278 -11.22 3.80 -11.27
C THR A 278 -10.24 3.61 -10.10
N LEU A 279 -9.13 4.36 -10.11
CA LEU A 279 -8.15 4.24 -9.03
C LEU A 279 -8.76 4.59 -7.68
N LYS A 280 -9.52 5.68 -7.62
CA LYS A 280 -10.17 6.08 -6.37
C LYS A 280 -11.21 5.07 -5.91
N ALA A 281 -12.04 4.62 -6.84
CA ALA A 281 -13.09 3.65 -6.52
C ALA A 281 -12.54 2.29 -6.09
N ALA A 282 -11.41 1.88 -6.67
CA ALA A 282 -10.80 0.58 -6.35
C ALA A 282 -10.39 0.50 -4.88
N VAL A 283 -9.99 1.63 -4.32
CA VAL A 283 -9.60 1.69 -2.92
C VAL A 283 -10.86 1.78 -2.05
N ASP A 284 -11.76 2.71 -2.42
CA ASP A 284 -13.03 2.93 -1.71
C ASP A 284 -13.87 1.66 -1.49
N CYS A 285 -13.90 0.78 -2.48
CA CYS A 285 -14.73 -0.43 -2.39
C CYS A 285 -14.20 -1.63 -1.59
N THR A 286 -13.03 -1.50 -0.98
CA THR A 286 -12.48 -2.61 -0.19
C THR A 286 -12.93 -2.51 1.27
N VAL A 287 -12.94 -3.65 1.96
CA VAL A 287 -13.34 -3.69 3.37
C VAL A 287 -12.30 -3.02 4.24
N LEU A 288 -12.71 -2.45 5.36
CA LEU A 288 -11.76 -1.82 6.27
C LEU A 288 -11.09 -2.95 7.03
N GLY A 289 -10.02 -2.62 7.75
CA GLY A 289 -9.32 -3.63 8.53
C GLY A 289 -8.32 -4.46 7.75
N TRP A 290 -8.75 -5.04 6.63
CA TRP A 290 -7.83 -5.86 5.84
C TRP A 290 -7.99 -5.77 4.31
N GLY A 291 -8.74 -4.77 3.84
CA GLY A 291 -8.95 -4.61 2.40
C GLY A 291 -7.68 -4.33 1.62
N SER A 292 -7.55 -4.93 0.44
CA SER A 292 -6.34 -4.77 -0.39
C SER A 292 -6.60 -4.32 -1.84
N CYS A 293 -5.87 -3.29 -2.28
CA CYS A 293 -5.99 -2.76 -3.63
C CYS A 293 -4.70 -2.94 -4.44
N THR A 294 -4.81 -3.55 -5.62
CA THR A 294 -3.65 -3.77 -6.49
C THR A 294 -3.74 -2.99 -7.82
N VAL A 295 -2.77 -2.13 -8.08
CA VAL A 295 -2.78 -1.34 -9.33
C VAL A 295 -2.14 -2.13 -10.50
N VAL A 296 -2.86 -2.22 -11.62
CA VAL A 296 -2.37 -2.92 -12.80
C VAL A 296 -2.23 -1.93 -13.97
N GLY A 297 -3.34 -1.32 -14.39
CA GLY A 297 -3.27 -0.34 -15.46
C GLY A 297 -3.09 1.05 -14.87
N ALA A 298 -2.52 1.98 -15.64
CA ALA A 298 -2.31 3.34 -15.16
C ALA A 298 -2.17 4.34 -16.31
N LYS A 299 -3.21 5.14 -16.54
CA LYS A 299 -3.21 6.13 -17.61
C LYS A 299 -2.83 7.50 -17.08
N VAL A 300 -2.88 7.67 -15.76
CA VAL A 300 -2.55 8.93 -15.09
C VAL A 300 -1.25 8.75 -14.29
N ASP A 301 -0.55 9.83 -13.99
CA ASP A 301 0.70 9.73 -13.25
C ASP A 301 0.62 9.56 -11.74
N GLU A 302 -0.51 9.95 -11.13
CA GLU A 302 -0.64 9.85 -9.67
C GLU A 302 -2.03 9.50 -9.16
N MET A 303 -2.09 9.14 -7.89
CA MET A 303 -3.34 8.79 -7.21
C MET A 303 -3.32 9.46 -5.82
N THR A 304 -4.49 9.85 -5.33
CA THR A 304 -4.58 10.52 -4.04
C THR A 304 -5.35 9.69 -3.02
N ILE A 305 -4.69 9.34 -1.91
CA ILE A 305 -5.27 8.51 -0.87
C ILE A 305 -5.52 9.24 0.45
N PRO A 306 -6.77 9.17 0.96
CA PRO A 306 -7.09 9.84 2.23
C PRO A 306 -6.29 9.19 3.35
N THR A 307 -5.78 9.99 4.28
CA THR A 307 -4.98 9.41 5.35
C THR A 307 -5.72 8.43 6.29
N VAL A 308 -6.95 8.78 6.64
CA VAL A 308 -7.76 7.94 7.54
C VAL A 308 -8.05 6.56 7.01
N ASP A 309 -7.99 6.41 5.70
CA ASP A 309 -8.24 5.13 5.07
C ASP A 309 -7.17 4.08 5.34
N VAL A 310 -5.89 4.44 5.30
CA VAL A 310 -4.83 3.46 5.56
C VAL A 310 -4.70 3.26 7.07
N ILE A 311 -4.99 4.31 7.82
CA ILE A 311 -4.95 4.22 9.28
C ILE A 311 -5.99 3.20 9.74
N LEU A 312 -7.09 3.09 9.00
CA LEU A 312 -8.15 2.16 9.35
C LEU A 312 -8.02 0.74 8.78
N GLY A 313 -6.89 0.42 8.15
CA GLY A 313 -6.70 -0.94 7.66
C GLY A 313 -6.51 -1.24 6.18
N ARG A 314 -6.75 -0.27 5.30
CA ARG A 314 -6.58 -0.51 3.87
C ARG A 314 -5.11 -0.40 3.44
N SER A 315 -4.71 -1.20 2.44
CA SER A 315 -3.34 -1.15 1.93
C SER A 315 -3.32 -1.07 0.39
N ILE A 316 -2.21 -0.59 -0.17
CA ILE A 316 -2.08 -0.43 -1.62
C ILE A 316 -0.76 -0.94 -2.21
N ASN A 317 -0.83 -1.65 -3.33
CA ASN A 317 0.38 -2.14 -4.03
C ASN A 317 0.14 -2.25 -5.55
N GLY A 318 1.14 -2.70 -6.30
CA GLY A 318 0.99 -2.80 -7.75
C GLY A 318 1.85 -3.88 -8.40
N THR A 319 1.52 -4.25 -9.65
CA THR A 319 2.23 -5.30 -10.38
C THR A 319 3.07 -4.85 -11.60
N PHE A 320 4.05 -5.69 -11.95
CA PHE A 320 4.95 -5.49 -13.09
C PHE A 320 5.03 -6.86 -13.77
N PHE A 321 4.40 -6.99 -14.94
CA PHE A 321 4.38 -8.26 -15.68
C PHE A 321 3.83 -9.41 -14.83
N GLY A 322 2.75 -9.13 -14.10
CA GLY A 322 2.11 -10.14 -13.26
C GLY A 322 2.90 -10.72 -12.10
N GLY A 323 4.08 -10.15 -11.82
CA GLY A 323 4.88 -10.65 -10.73
C GLY A 323 5.62 -11.96 -11.01
N TRP A 324 5.70 -12.37 -12.27
CA TRP A 324 6.37 -13.62 -12.64
C TRP A 324 7.88 -13.46 -12.86
N LYS A 325 8.66 -14.40 -12.32
CA LYS A 325 10.10 -14.41 -12.55
C LYS A 325 10.10 -14.92 -14.00
N SER A 326 10.20 -14.01 -14.96
CA SER A 326 10.10 -14.30 -16.40
C SER A 326 10.75 -15.55 -17.04
N VAL A 327 12.06 -15.64 -17.05
CA VAL A 327 12.69 -16.80 -17.67
C VAL A 327 12.25 -18.15 -17.11
N ASP A 328 11.99 -18.23 -15.81
CA ASP A 328 11.57 -19.49 -15.20
C ASP A 328 10.09 -19.83 -15.34
N SER A 329 9.22 -18.81 -15.27
CA SER A 329 7.77 -19.02 -15.32
C SER A 329 7.09 -19.15 -16.69
N VAL A 330 7.55 -18.41 -17.70
CA VAL A 330 6.94 -18.48 -19.02
C VAL A 330 6.81 -19.91 -19.55
N PRO A 331 7.88 -20.73 -19.43
CA PRO A 331 7.75 -22.09 -19.94
C PRO A 331 6.59 -22.82 -19.26
N ASN A 332 6.46 -22.63 -17.95
CA ASN A 332 5.39 -23.29 -17.19
C ASN A 332 3.96 -22.87 -17.58
N LEU A 333 3.79 -21.61 -17.99
CA LEU A 333 2.46 -21.15 -18.39
C LEU A 333 2.07 -21.83 -19.71
N VAL A 334 3.06 -22.02 -20.57
CA VAL A 334 2.86 -22.69 -21.86
C VAL A 334 2.41 -24.13 -21.64
N SER A 335 3.02 -24.81 -20.65
CA SER A 335 2.65 -26.19 -20.36
C SER A 335 1.23 -26.25 -19.81
N ASP A 336 0.85 -25.24 -19.03
CA ASP A 336 -0.49 -25.21 -18.47
C ASP A 336 -1.56 -25.14 -19.57
N TYR A 337 -1.28 -24.36 -20.62
CA TYR A 337 -2.20 -24.22 -21.74
C TYR A 337 -2.37 -25.56 -22.44
N LYS A 338 -1.27 -26.30 -22.58
CA LYS A 338 -1.31 -27.62 -23.20
C LYS A 338 -2.27 -28.51 -22.42
N ASN A 339 -2.14 -28.49 -21.10
CA ASN A 339 -2.99 -29.29 -20.24
C ASN A 339 -4.40 -28.72 -20.08
N LYS A 340 -4.72 -27.71 -20.89
CA LYS A 340 -6.04 -27.07 -20.88
C LYS A 340 -6.44 -26.44 -19.55
N LYS A 341 -5.47 -25.84 -18.85
CA LYS A 341 -5.77 -25.22 -17.55
C LYS A 341 -6.57 -23.92 -17.70
N PHE A 342 -6.51 -23.33 -18.90
CA PHE A 342 -7.23 -22.10 -19.23
C PHE A 342 -7.28 -21.96 -20.75
N ASP A 343 -8.28 -21.26 -21.28
CA ASP A 343 -8.43 -21.12 -22.73
C ASP A 343 -8.08 -19.75 -23.33
N LEU A 344 -6.95 -19.68 -24.00
CA LEU A 344 -6.48 -18.44 -24.63
C LEU A 344 -7.30 -18.04 -25.86
N ASP A 345 -8.07 -18.99 -26.38
CA ASP A 345 -8.89 -18.75 -27.57
C ASP A 345 -9.93 -17.64 -27.40
N LEU A 346 -10.57 -17.58 -26.23
CA LEU A 346 -11.59 -16.56 -25.99
C LEU A 346 -11.06 -15.14 -26.02
N LEU A 347 -9.74 -14.98 -25.96
CA LEU A 347 -9.12 -13.66 -25.96
C LEU A 347 -8.90 -13.12 -27.37
N VAL A 348 -9.09 -13.98 -28.37
CA VAL A 348 -8.88 -13.59 -29.77
C VAL A 348 -10.18 -13.25 -30.51
N THR A 349 -10.28 -12.02 -31.01
CA THR A 349 -11.47 -11.59 -31.74
C THR A 349 -11.22 -11.35 -33.23
N HIS A 350 -9.97 -11.15 -33.62
CA HIS A 350 -9.65 -10.88 -35.02
C HIS A 350 -8.33 -11.48 -35.49
N ALA A 351 -8.19 -11.63 -36.81
CA ALA A 351 -6.98 -12.15 -37.44
C ALA A 351 -6.78 -11.39 -38.75
N LEU A 352 -5.58 -10.88 -38.98
CA LEU A 352 -5.30 -10.12 -40.19
C LEU A 352 -3.85 -10.14 -40.64
N PRO A 353 -3.61 -9.73 -41.90
CA PRO A 353 -2.27 -9.68 -42.48
C PRO A 353 -1.47 -8.56 -41.82
N PHE A 354 -0.18 -8.79 -41.61
CA PHE A 354 0.67 -7.77 -40.98
C PHE A 354 0.53 -6.43 -41.68
N GLU A 355 0.28 -6.47 -42.98
CA GLU A 355 0.13 -5.28 -43.79
C GLU A 355 -0.98 -4.36 -43.29
N SER A 356 -2.02 -4.96 -42.71
CA SER A 356 -3.16 -4.20 -42.22
C SER A 356 -3.04 -3.76 -40.75
N ILE A 357 -1.83 -3.80 -40.21
CA ILE A 357 -1.61 -3.43 -38.81
C ILE A 357 -2.36 -2.15 -38.38
N ASN A 358 -2.41 -1.15 -39.24
CA ASN A 358 -3.09 0.10 -38.90
C ASN A 358 -4.59 -0.09 -38.65
N ASP A 359 -5.20 -1.12 -39.24
CA ASP A 359 -6.62 -1.38 -39.02
C ASP A 359 -6.83 -2.00 -37.63
N ALA A 360 -5.85 -2.81 -37.19
CA ALA A 360 -5.93 -3.44 -35.89
C ALA A 360 -5.84 -2.37 -34.80
N ILE A 361 -5.05 -1.35 -35.08
CA ILE A 361 -4.87 -0.26 -34.14
C ILE A 361 -6.17 0.52 -33.99
N ASP A 362 -6.88 0.72 -35.11
CA ASP A 362 -8.15 1.45 -35.07
C ASP A 362 -9.19 0.67 -34.28
N LEU A 363 -9.27 -0.64 -34.54
CA LEU A 363 -10.22 -1.50 -33.84
C LEU A 363 -10.06 -1.43 -32.32
N MET A 364 -8.81 -1.42 -31.86
CA MET A 364 -8.53 -1.35 -30.43
C MET A 364 -8.87 0.03 -29.88
N LYS A 365 -8.58 1.07 -30.67
CA LYS A 365 -8.87 2.44 -30.27
C LYS A 365 -10.37 2.68 -30.17
N GLU A 366 -11.16 1.81 -30.81
CA GLU A 366 -12.61 1.92 -30.82
C GLU A 366 -13.31 0.95 -29.86
N GLY A 367 -12.52 0.23 -29.08
CA GLY A 367 -13.08 -0.72 -28.12
C GLY A 367 -13.96 -1.79 -28.73
N LYS A 368 -13.66 -2.16 -29.97
CA LYS A 368 -14.45 -3.18 -30.66
C LYS A 368 -13.74 -4.53 -30.68
N SER A 369 -12.66 -4.67 -29.92
CA SER A 369 -11.91 -5.92 -29.89
C SER A 369 -11.21 -6.20 -28.56
N ILE A 370 -10.60 -7.39 -28.45
CA ILE A 370 -9.83 -7.78 -27.27
C ILE A 370 -8.40 -7.88 -27.78
N ARG A 371 -8.14 -8.85 -28.66
CA ARG A 371 -6.82 -9.04 -29.26
C ARG A 371 -6.92 -9.48 -30.73
N THR A 372 -6.05 -8.93 -31.57
CA THR A 372 -6.02 -9.24 -33.00
C THR A 372 -4.67 -9.89 -33.37
N ILE A 373 -4.71 -11.09 -33.95
CA ILE A 373 -3.47 -11.80 -34.32
C ILE A 373 -2.95 -11.39 -35.71
N LEU A 374 -1.70 -10.92 -35.75
CA LEU A 374 -1.06 -10.51 -37.00
C LEU A 374 0.01 -11.53 -37.39
N THR A 375 0.05 -11.88 -38.67
CA THR A 375 1.03 -12.86 -39.16
C THR A 375 1.71 -12.42 -40.46
N PHE A 376 2.98 -12.81 -40.63
CA PHE A 376 3.74 -12.48 -41.83
C PHE A 376 3.59 -13.61 -42.86
N GLY B 4 -24.10 3.03 45.02
CA GLY B 4 -23.91 3.87 43.79
C GLY B 4 -24.09 5.34 44.07
N LYS B 5 -23.12 5.92 44.78
CA LYS B 5 -23.17 7.33 45.15
C LYS B 5 -22.62 8.22 44.03
N VAL B 6 -23.07 9.47 44.00
CA VAL B 6 -22.59 10.43 43.01
C VAL B 6 -21.33 11.10 43.59
N ILE B 7 -20.27 11.18 42.80
CA ILE B 7 -19.02 11.79 43.26
C ILE B 7 -18.83 13.22 42.78
N LYS B 8 -18.38 14.09 43.68
CA LYS B 8 -18.13 15.48 43.33
C LYS B 8 -16.61 15.68 43.25
N CYS B 9 -16.11 16.06 42.09
CA CYS B 9 -14.68 16.27 41.91
C CYS B 9 -14.37 17.38 40.90
N LYS B 10 -13.09 17.55 40.60
CA LYS B 10 -12.64 18.54 39.64
C LYS B 10 -12.30 17.84 38.33
N ALA B 11 -12.37 18.60 37.23
CA ALA B 11 -12.07 18.09 35.90
C ALA B 11 -11.87 19.27 34.94
N ALA B 12 -11.25 19.02 33.79
CA ALA B 12 -11.00 20.06 32.80
C ALA B 12 -12.02 20.01 31.67
N ILE B 13 -12.75 21.10 31.46
CA ILE B 13 -13.76 21.16 30.41
C ILE B 13 -13.49 22.21 29.33
N ALA B 14 -13.81 21.85 28.09
CA ALA B 14 -13.67 22.74 26.93
C ALA B 14 -15.10 23.14 26.57
N TRP B 15 -15.45 24.41 26.80
CA TRP B 15 -16.79 24.87 26.52
C TRP B 15 -17.08 25.19 25.06
N LYS B 16 -16.07 25.65 24.32
CA LYS B 16 -16.22 26.00 22.91
C LYS B 16 -14.89 26.06 22.16
N THR B 17 -14.93 26.04 20.83
CA THR B 17 -13.73 26.09 20.01
C THR B 17 -13.05 27.45 20.14
N GLY B 18 -11.72 27.46 20.10
CA GLY B 18 -10.97 28.70 20.19
C GLY B 18 -10.52 29.17 21.55
N SER B 19 -10.97 28.48 22.61
CA SER B 19 -10.60 28.85 23.97
C SER B 19 -9.96 27.66 24.70
N PRO B 20 -9.07 27.94 25.66
CA PRO B 20 -8.39 26.89 26.42
C PRO B 20 -9.33 26.13 27.37
N LEU B 21 -8.80 25.10 28.04
CA LEU B 21 -9.55 24.29 28.98
C LEU B 21 -9.76 25.00 30.32
N CYS B 22 -10.90 24.78 30.94
CA CYS B 22 -11.21 25.39 32.24
C CYS B 22 -11.34 24.34 33.34
N ILE B 23 -10.70 24.58 34.48
CA ILE B 23 -10.79 23.67 35.61
C ILE B 23 -12.14 23.97 36.28
N GLU B 24 -12.99 22.95 36.40
CA GLU B 24 -14.32 23.11 37.00
C GLU B 24 -14.62 22.00 38.02
N GLU B 25 -15.70 22.18 38.77
CA GLU B 25 -16.12 21.17 39.75
C GLU B 25 -17.34 20.50 39.12
N ILE B 26 -17.29 19.19 38.93
CA ILE B 26 -18.39 18.47 38.32
C ILE B 26 -18.93 17.33 39.16
N GLU B 27 -19.93 16.63 38.62
CA GLU B 27 -20.55 15.49 39.27
C GLU B 27 -20.45 14.26 38.36
N VAL B 28 -19.93 13.16 38.90
CA VAL B 28 -19.77 11.93 38.15
C VAL B 28 -20.73 10.86 38.66
N SER B 29 -21.62 10.40 37.79
CA SER B 29 -22.61 9.39 38.17
C SER B 29 -22.00 7.98 38.32
N PRO B 30 -22.70 7.08 39.04
CA PRO B 30 -22.21 5.71 39.24
C PRO B 30 -22.28 4.90 37.95
N PRO B 31 -21.48 3.82 37.86
CA PRO B 31 -21.46 2.95 36.68
C PRO B 31 -22.66 2.03 36.54
N LYS B 32 -23.06 1.77 35.30
CA LYS B 32 -24.19 0.88 35.00
C LYS B 32 -23.62 -0.46 34.50
N ALA B 33 -24.50 -1.35 34.03
CA ALA B 33 -24.08 -2.66 33.52
C ALA B 33 -22.94 -2.53 32.52
N CYS B 34 -21.99 -3.46 32.59
CA CYS B 34 -20.83 -3.47 31.69
C CYS B 34 -20.05 -2.15 31.69
N GLU B 35 -19.87 -1.56 32.87
CA GLU B 35 -19.12 -0.31 33.01
C GLU B 35 -18.31 -0.29 34.32
N VAL B 36 -17.25 0.51 34.34
CA VAL B 36 -16.37 0.63 35.51
C VAL B 36 -16.01 2.09 35.79
N ARG B 37 -16.03 2.48 37.07
CA ARG B 37 -15.66 3.84 37.45
C ARG B 37 -14.21 3.82 37.95
N ILE B 38 -13.37 4.60 37.28
CA ILE B 38 -11.94 4.67 37.59
C ILE B 38 -11.46 5.93 38.29
N GLN B 39 -10.50 5.76 39.21
CA GLN B 39 -9.89 6.91 39.90
C GLN B 39 -8.57 7.10 39.16
N VAL B 40 -8.44 8.23 38.46
CA VAL B 40 -7.24 8.55 37.68
C VAL B 40 -6.06 8.93 38.58
N ILE B 41 -4.93 8.26 38.42
CA ILE B 41 -3.74 8.55 39.22
C ILE B 41 -2.69 9.38 38.46
N ALA B 42 -2.57 9.17 37.15
CA ALA B 42 -1.62 9.94 36.35
C ALA B 42 -2.09 10.02 34.88
N THR B 43 -2.07 11.23 34.31
CA THR B 43 -2.50 11.44 32.92
C THR B 43 -1.56 12.38 32.15
N CYS B 44 -1.41 12.11 30.84
CA CYS B 44 -0.57 12.91 29.95
C CYS B 44 -1.40 13.62 28.88
N VAL B 45 -0.82 14.65 28.27
CA VAL B 45 -1.48 15.37 27.20
C VAL B 45 -0.88 14.87 25.87
N CYS B 46 -1.74 14.58 24.90
CA CYS B 46 -1.29 14.11 23.58
C CYS B 46 -1.74 15.11 22.52
N PRO B 47 -0.99 15.23 21.42
CA PRO B 47 -1.37 16.18 20.36
C PRO B 47 -2.85 16.15 19.99
N THR B 48 -3.45 14.96 20.01
CA THR B 48 -4.86 14.80 19.65
C THR B 48 -5.81 15.60 20.56
N ASP B 49 -5.51 15.67 21.84
CA ASP B 49 -6.35 16.42 22.76
C ASP B 49 -6.33 17.91 22.37
N ILE B 50 -5.17 18.40 21.95
CA ILE B 50 -5.02 19.81 21.56
C ILE B 50 -5.74 20.17 20.26
N ASN B 51 -5.81 19.23 19.31
CA ASN B 51 -6.49 19.49 18.04
C ASN B 51 -7.96 19.82 18.24
N ALA B 52 -8.56 19.21 19.25
CA ALA B 52 -9.97 19.41 19.58
C ALA B 52 -10.40 20.87 19.66
N THR B 53 -9.54 21.73 20.18
CA THR B 53 -9.90 23.15 20.31
C THR B 53 -9.47 24.05 19.14
N ASP B 54 -8.99 23.43 18.06
CA ASP B 54 -8.58 24.19 16.88
C ASP B 54 -9.77 24.31 15.94
N PRO B 55 -10.26 25.55 15.72
CA PRO B 55 -11.41 25.80 14.86
C PRO B 55 -11.37 25.16 13.46
N LYS B 56 -10.18 24.83 12.97
CA LYS B 56 -10.06 24.20 11.66
C LYS B 56 -10.49 22.74 11.69
N LYS B 57 -10.48 22.14 12.88
CA LYS B 57 -10.84 20.74 13.06
C LYS B 57 -12.27 20.54 13.57
N LYS B 58 -12.83 19.37 13.31
CA LYS B 58 -14.18 19.04 13.75
C LYS B 58 -14.15 18.48 15.17
N ALA B 59 -15.10 18.90 16.00
CA ALA B 59 -15.18 18.45 17.39
C ALA B 59 -16.56 18.78 17.98
N LEU B 60 -16.86 18.23 19.16
CA LEU B 60 -18.13 18.45 19.85
C LEU B 60 -17.91 19.15 21.20
N PHE B 61 -18.87 20.02 21.57
CA PHE B 61 -18.79 20.78 22.82
C PHE B 61 -20.14 20.85 23.55
N PRO B 62 -20.11 20.96 24.90
CA PRO B 62 -18.93 21.01 25.78
C PRO B 62 -18.43 19.59 26.08
N VAL B 63 -17.12 19.44 26.28
CA VAL B 63 -16.54 18.11 26.49
C VAL B 63 -15.38 18.02 27.49
N VAL B 64 -15.19 16.81 28.03
CA VAL B 64 -14.09 16.52 28.96
C VAL B 64 -13.08 15.75 28.13
N LEU B 65 -11.94 16.38 27.85
CA LEU B 65 -10.88 15.78 27.02
C LEU B 65 -9.95 14.82 27.77
N GLY B 66 -8.90 14.37 27.08
CA GLY B 66 -7.92 13.47 27.66
C GLY B 66 -8.17 12.00 27.34
N HIS B 67 -7.13 11.24 27.02
CA HIS B 67 -7.29 9.81 26.72
C HIS B 67 -6.08 8.89 27.01
N GLU B 68 -5.00 9.43 27.57
CA GLU B 68 -3.80 8.63 27.89
C GLU B 68 -3.55 8.64 29.42
N CYS B 69 -3.85 7.53 30.10
CA CYS B 69 -3.70 7.47 31.57
C CYS B 69 -3.58 6.06 32.16
N ALA B 70 -3.42 6.02 33.48
CA ALA B 70 -3.34 4.79 34.27
C ALA B 70 -4.03 5.10 35.60
N GLY B 71 -4.58 4.09 36.25
CA GLY B 71 -5.27 4.33 37.51
C GLY B 71 -5.74 3.12 38.30
N ILE B 72 -6.79 3.32 39.09
CA ILE B 72 -7.35 2.29 39.95
C ILE B 72 -8.88 2.22 39.96
N VAL B 73 -9.42 1.03 40.20
CA VAL B 73 -10.86 0.82 40.26
C VAL B 73 -11.50 1.35 41.55
N GLU B 74 -12.48 2.25 41.38
CA GLU B 74 -13.20 2.83 42.52
C GLU B 74 -14.42 1.96 42.83
N SER B 75 -15.22 1.66 41.81
CA SER B 75 -16.41 0.82 41.95
C SER B 75 -16.82 0.27 40.58
N VAL B 76 -17.59 -0.83 40.58
CA VAL B 76 -18.05 -1.46 39.33
C VAL B 76 -19.57 -1.49 39.22
N GLY B 77 -20.08 -1.70 38.01
CA GLY B 77 -21.51 -1.74 37.80
C GLY B 77 -22.16 -3.10 38.12
N PRO B 78 -23.49 -3.17 38.09
CA PRO B 78 -24.26 -4.40 38.37
C PRO B 78 -23.88 -5.55 37.44
N GLY B 79 -23.51 -6.69 38.02
CA GLY B 79 -23.17 -7.84 37.20
C GLY B 79 -21.72 -7.99 36.77
N VAL B 80 -20.89 -6.98 37.01
CA VAL B 80 -19.47 -7.05 36.64
C VAL B 80 -18.71 -7.97 37.61
N THR B 81 -17.81 -8.80 37.09
CA THR B 81 -17.05 -9.73 37.93
C THR B 81 -15.55 -9.80 37.64
N ASN B 82 -15.12 -9.26 36.51
CA ASN B 82 -13.70 -9.27 36.15
C ASN B 82 -12.92 -8.09 36.75
N PHE B 83 -13.61 -7.25 37.52
CA PHE B 83 -12.98 -6.08 38.16
C PHE B 83 -13.56 -5.85 39.56
N LYS B 84 -12.74 -5.34 40.48
CA LYS B 84 -13.14 -5.04 41.86
C LYS B 84 -12.34 -3.85 42.39
N PRO B 85 -12.87 -3.12 43.37
CA PRO B 85 -12.17 -1.96 43.92
C PRO B 85 -10.74 -2.27 44.34
N GLY B 86 -9.81 -1.40 43.93
CA GLY B 86 -8.41 -1.62 44.26
C GLY B 86 -7.54 -2.12 43.10
N ASP B 87 -8.14 -2.79 42.13
CA ASP B 87 -7.36 -3.30 40.99
C ASP B 87 -6.76 -2.13 40.19
N LYS B 88 -5.57 -2.36 39.62
CA LYS B 88 -4.90 -1.36 38.79
C LYS B 88 -5.42 -1.59 37.37
N VAL B 89 -5.63 -0.50 36.63
CA VAL B 89 -6.15 -0.58 35.27
C VAL B 89 -5.63 0.50 34.31
N ILE B 90 -5.76 0.23 33.02
CA ILE B 90 -5.35 1.16 31.96
C ILE B 90 -6.45 1.16 30.89
N PRO B 91 -7.09 2.32 30.65
CA PRO B 91 -8.16 2.40 29.64
C PRO B 91 -7.54 2.78 28.28
N PHE B 92 -8.34 2.77 27.22
CA PHE B 92 -7.85 3.11 25.89
C PHE B 92 -8.96 3.39 24.88
N PHE B 93 -8.61 4.08 23.78
CA PHE B 93 -9.58 4.43 22.74
C PHE B 93 -9.93 3.32 21.74
N ALA B 94 -9.10 2.28 21.67
CA ALA B 94 -9.35 1.17 20.76
C ALA B 94 -10.03 0.04 21.52
N PRO B 95 -11.35 -0.13 21.35
CA PRO B 95 -12.10 -1.18 22.05
C PRO B 95 -11.93 -2.62 21.53
N GLN B 96 -12.39 -3.56 22.35
CA GLN B 96 -12.37 -4.99 22.03
C GLN B 96 -13.56 -5.55 22.83
N CYS B 97 -14.76 -5.19 22.41
CA CYS B 97 -15.98 -5.61 23.11
C CYS B 97 -16.16 -7.11 23.23
N LYS B 98 -15.57 -7.86 22.30
CA LYS B 98 -15.68 -9.32 22.33
C LYS B 98 -17.11 -9.84 22.22
N ARG B 99 -17.96 -9.09 21.51
CA ARG B 99 -19.35 -9.49 21.29
C ARG B 99 -19.84 -8.97 19.94
N CYS B 100 -18.90 -8.81 19.00
CA CYS B 100 -19.17 -8.36 17.64
C CYS B 100 -18.34 -9.24 16.70
N LYS B 101 -18.56 -9.08 15.40
CA LYS B 101 -17.87 -9.89 14.39
C LYS B 101 -16.38 -9.57 14.21
N LEU B 102 -16.04 -8.29 14.25
CA LEU B 102 -14.65 -7.85 14.06
C LEU B 102 -13.67 -8.34 15.13
N CYS B 103 -14.11 -8.37 16.39
CA CYS B 103 -13.25 -8.81 17.48
C CYS B 103 -12.82 -10.26 17.27
N LEU B 104 -13.68 -11.06 16.65
CA LEU B 104 -13.40 -12.48 16.39
C LEU B 104 -12.38 -12.72 15.27
N SER B 105 -12.19 -11.73 14.40
CA SER B 105 -11.26 -11.88 13.28
C SER B 105 -9.80 -11.56 13.61
N PRO B 106 -8.87 -12.45 13.21
CA PRO B 106 -7.44 -12.29 13.45
C PRO B 106 -6.77 -11.43 12.37
N LEU B 107 -7.59 -10.80 11.54
CA LEU B 107 -7.09 -9.97 10.45
C LEU B 107 -7.08 -8.47 10.76
N THR B 108 -7.69 -8.07 11.88
CA THR B 108 -7.73 -6.65 12.23
C THR B 108 -7.88 -6.44 13.74
N ASN B 109 -7.62 -5.22 14.20
CA ASN B 109 -7.77 -4.94 15.62
C ASN B 109 -8.90 -3.94 15.85
N LEU B 110 -9.71 -3.74 14.82
CA LEU B 110 -10.86 -2.83 14.89
C LEU B 110 -12.01 -3.53 15.62
N CYS B 111 -13.07 -2.79 15.94
CA CYS B 111 -14.21 -3.36 16.67
C CYS B 111 -15.55 -2.76 16.25
N GLY B 112 -16.58 -3.61 16.27
CA GLY B 112 -17.92 -3.19 15.88
C GLY B 112 -18.49 -2.06 16.71
N LYS B 113 -17.86 -1.79 17.86
CA LYS B 113 -18.32 -0.71 18.73
C LYS B 113 -18.16 0.65 18.02
N LEU B 114 -17.24 0.73 17.06
CA LEU B 114 -16.98 1.96 16.31
C LEU B 114 -18.06 2.22 15.25
N ARG B 115 -18.34 3.50 14.98
CA ARG B 115 -19.36 3.85 14.00
C ARG B 115 -18.94 4.88 12.95
N ASN B 116 -18.22 5.92 13.37
CA ASN B 116 -17.79 6.96 12.44
C ASN B 116 -16.40 6.67 11.91
N PHE B 117 -16.29 6.45 10.60
CA PHE B 117 -15.01 6.11 9.99
C PHE B 117 -14.35 7.22 9.16
N LYS B 118 -14.87 8.43 9.25
CA LYS B 118 -14.28 9.55 8.52
C LYS B 118 -13.73 10.54 9.54
N TYR B 119 -14.30 10.54 10.74
CA TYR B 119 -13.87 11.42 11.83
C TYR B 119 -13.97 10.66 13.16
N PRO B 120 -13.03 9.74 13.42
CA PRO B 120 -13.06 8.97 14.68
C PRO B 120 -12.88 9.79 15.96
N THR B 121 -12.42 11.02 15.83
CA THR B 121 -12.20 11.87 17.00
C THR B 121 -13.50 12.35 17.65
N ILE B 122 -14.62 12.13 16.98
CA ILE B 122 -15.90 12.54 17.53
C ILE B 122 -16.80 11.33 17.81
N ASP B 123 -16.23 10.14 17.70
CA ASP B 123 -16.97 8.90 17.96
C ASP B 123 -16.80 8.53 19.44
N GLN B 124 -17.65 7.62 19.92
CA GLN B 124 -17.63 7.20 21.33
C GLN B 124 -17.76 8.41 22.25
N GLU B 125 -18.62 9.35 21.88
CA GLU B 125 -18.83 10.58 22.65
C GLU B 125 -19.87 10.46 23.75
N LEU B 126 -20.50 9.29 23.84
CA LEU B 126 -21.50 9.00 24.87
C LEU B 126 -21.35 7.51 25.20
N MET B 127 -22.04 7.05 26.24
CA MET B 127 -21.95 5.65 26.64
C MET B 127 -22.81 4.74 25.77
N GLU B 128 -22.81 3.45 26.09
CA GLU B 128 -23.57 2.44 25.36
C GLU B 128 -25.07 2.74 25.20
N ASP B 129 -25.69 3.19 26.28
CA ASP B 129 -27.11 3.51 26.28
C ASP B 129 -27.39 4.92 25.78
N ARG B 130 -26.37 5.52 25.16
CA ARG B 130 -26.48 6.86 24.60
C ARG B 130 -26.70 8.03 25.57
N THR B 131 -26.23 7.88 26.80
CA THR B 131 -26.34 8.95 27.80
C THR B 131 -24.96 9.28 28.34
N SER B 132 -24.84 10.40 29.06
CA SER B 132 -23.57 10.83 29.65
C SER B 132 -23.54 10.62 31.17
N ARG B 133 -22.34 10.54 31.73
CA ARG B 133 -22.16 10.35 33.17
C ARG B 133 -21.64 11.61 33.86
N PHE B 134 -21.43 12.67 33.07
CA PHE B 134 -20.90 13.94 33.60
C PHE B 134 -21.93 15.06 33.64
N THR B 135 -21.85 15.89 34.68
CA THR B 135 -22.76 17.04 34.83
C THR B 135 -22.04 18.24 35.45
N CYS B 136 -22.32 19.43 34.93
CA CYS B 136 -21.70 20.66 35.43
C CYS B 136 -22.66 21.85 35.27
N LYS B 137 -22.95 22.52 36.37
CA LYS B 137 -23.84 23.68 36.37
C LYS B 137 -25.12 23.43 35.58
N GLY B 138 -25.79 22.32 35.88
CA GLY B 138 -27.03 21.99 35.20
C GLY B 138 -26.92 21.54 33.75
N ARG B 139 -25.70 21.46 33.22
CA ARG B 139 -25.51 21.03 31.83
C ARG B 139 -24.86 19.66 31.70
N SER B 140 -25.33 18.89 30.72
CA SER B 140 -24.78 17.56 30.44
C SER B 140 -23.53 17.76 29.59
N ILE B 141 -22.46 17.03 29.89
CA ILE B 141 -21.18 17.16 29.18
C ILE B 141 -20.77 15.90 28.43
N TYR B 142 -20.20 16.08 27.23
CA TYR B 142 -19.74 14.98 26.36
C TYR B 142 -18.48 14.25 26.84
N HIS B 143 -18.33 13.00 26.42
CA HIS B 143 -17.16 12.18 26.73
C HIS B 143 -16.21 12.31 25.54
N PHE B 144 -14.97 11.82 25.67
CA PHE B 144 -13.99 11.90 24.58
C PHE B 144 -13.30 10.56 24.24
N MET B 145 -13.55 10.08 23.02
CA MET B 145 -12.98 8.82 22.54
C MET B 145 -13.06 7.66 23.54
N GLY B 146 -14.16 7.61 24.30
CA GLY B 146 -14.39 6.56 25.28
C GLY B 146 -13.56 6.56 26.55
N VAL B 147 -12.82 7.64 26.82
CA VAL B 147 -11.97 7.71 28.00
C VAL B 147 -12.18 8.94 28.92
N SER B 148 -11.97 10.15 28.39
CA SER B 148 -12.11 11.37 29.20
C SER B 148 -11.29 11.29 30.48
N SER B 149 -9.96 11.34 30.34
CA SER B 149 -9.07 11.23 31.50
C SER B 149 -8.72 12.52 32.24
N PHE B 150 -9.15 13.69 31.75
CA PHE B 150 -8.84 14.93 32.47
C PHE B 150 -9.88 15.19 33.58
N SER B 151 -9.90 14.28 34.56
CA SER B 151 -10.82 14.36 35.69
C SER B 151 -10.36 13.43 36.79
N GLN B 152 -10.63 13.78 38.06
CA GLN B 152 -10.22 12.92 39.16
C GLN B 152 -10.88 11.54 39.06
N TYR B 153 -12.10 11.50 38.53
CA TYR B 153 -12.83 10.24 38.34
C TYR B 153 -13.54 10.23 36.99
N THR B 154 -13.60 9.06 36.36
CA THR B 154 -14.28 8.92 35.08
C THR B 154 -14.94 7.53 34.99
N VAL B 155 -15.83 7.36 34.01
CA VAL B 155 -16.52 6.08 33.83
C VAL B 155 -16.33 5.60 32.38
N VAL B 156 -15.99 4.32 32.22
CA VAL B 156 -15.76 3.76 30.89
C VAL B 156 -16.40 2.38 30.70
N SER B 157 -16.63 2.03 29.44
CA SER B 157 -17.20 0.74 29.05
C SER B 157 -16.19 -0.38 29.23
N GLU B 158 -16.66 -1.55 29.67
CA GLU B 158 -15.78 -2.71 29.88
C GLU B 158 -14.97 -3.05 28.64
N ALA B 159 -15.42 -2.59 27.48
CA ALA B 159 -14.70 -2.88 26.23
C ALA B 159 -13.50 -1.93 26.04
N ASN B 160 -13.35 -0.96 26.95
CA ASN B 160 -12.27 0.02 26.85
C ASN B 160 -11.19 0.04 27.95
N LEU B 161 -11.00 -1.06 28.67
CA LEU B 161 -9.94 -1.11 29.70
C LEU B 161 -9.50 -2.52 30.03
N ALA B 162 -8.38 -2.64 30.75
CA ALA B 162 -7.84 -3.94 31.15
C ALA B 162 -7.12 -3.86 32.50
N ARG B 163 -7.20 -4.93 33.29
CA ARG B 163 -6.54 -4.99 34.58
C ARG B 163 -5.07 -5.33 34.36
N VAL B 164 -4.17 -4.72 35.13
CA VAL B 164 -2.75 -4.98 34.98
C VAL B 164 -2.07 -5.35 36.31
N ASP B 165 -0.81 -5.77 36.24
CA ASP B 165 -0.01 -6.20 37.40
C ASP B 165 -0.18 -5.35 38.66
N ASP B 166 -0.47 -6.01 39.78
CA ASP B 166 -0.66 -5.33 41.07
C ASP B 166 0.48 -4.42 41.49
N GLU B 167 1.69 -4.69 41.02
CA GLU B 167 2.84 -3.88 41.40
C GLU B 167 3.31 -2.89 40.35
N ALA B 168 2.45 -2.55 39.40
CA ALA B 168 2.83 -1.61 38.34
C ALA B 168 2.98 -0.16 38.85
N ASN B 169 3.94 0.57 38.27
CA ASN B 169 4.16 1.96 38.65
C ASN B 169 3.26 2.80 37.75
N LEU B 170 2.11 3.21 38.29
CA LEU B 170 1.13 3.98 37.54
C LEU B 170 1.66 5.33 36.98
N GLU B 171 2.75 5.83 37.55
CA GLU B 171 3.34 7.11 37.09
C GLU B 171 4.15 6.93 35.80
N ARG B 172 4.30 5.69 35.35
CA ARG B 172 5.05 5.41 34.13
C ARG B 172 4.28 4.57 33.11
N VAL B 173 3.50 3.60 33.58
CA VAL B 173 2.75 2.73 32.68
C VAL B 173 1.56 3.44 32.00
N CYS B 174 1.29 4.68 32.40
CA CYS B 174 0.22 5.46 31.80
C CYS B 174 0.49 5.67 30.30
N LEU B 175 1.76 5.67 29.92
CA LEU B 175 2.14 5.83 28.51
C LEU B 175 1.59 4.70 27.62
N ILE B 176 1.31 3.54 28.23
CA ILE B 176 0.77 2.41 27.49
C ILE B 176 -0.66 2.71 27.00
N GLY B 177 -1.28 3.72 27.60
CA GLY B 177 -2.62 4.13 27.21
C GLY B 177 -2.78 4.68 25.78
N CYS B 178 -1.68 5.12 25.15
CA CYS B 178 -1.73 5.64 23.78
C CYS B 178 -0.39 5.72 23.04
N GLY B 179 0.42 6.70 23.43
CA GLY B 179 1.71 6.94 22.79
C GLY B 179 2.72 5.82 22.59
N PHE B 180 3.13 5.16 23.67
CA PHE B 180 4.11 4.08 23.54
C PHE B 180 3.57 2.89 22.77
N SER B 181 2.36 2.44 23.09
CA SER B 181 1.78 1.28 22.41
C SER B 181 1.63 1.51 20.90
N SER B 182 1.24 2.71 20.51
CA SER B 182 1.06 3.03 19.10
C SER B 182 2.35 3.00 18.28
N GLY B 183 3.45 3.53 18.84
CA GLY B 183 4.72 3.51 18.13
C GLY B 183 5.42 2.16 18.16
N TYR B 184 5.39 1.51 19.32
CA TYR B 184 6.00 0.19 19.52
C TYR B 184 5.33 -0.84 18.59
N GLY B 185 4.00 -0.82 18.57
CA GLY B 185 3.25 -1.73 17.73
C GLY B 185 3.33 -1.44 16.24
N ALA B 186 3.47 -0.17 15.87
CA ALA B 186 3.55 0.19 14.46
C ALA B 186 4.72 -0.56 13.80
N ALA B 187 5.85 -0.64 14.49
CA ALA B 187 7.02 -1.34 13.95
C ALA B 187 6.84 -2.86 13.96
N ILE B 188 6.43 -3.40 15.10
CA ILE B 188 6.24 -4.85 15.29
C ILE B 188 5.07 -5.50 14.56
N ASN B 189 3.87 -4.93 14.69
CA ASN B 189 2.69 -5.51 14.04
C ASN B 189 2.33 -4.97 12.66
N THR B 190 2.38 -3.65 12.46
CA THR B 190 1.99 -3.07 11.17
C THR B 190 3.05 -3.16 10.06
N ALA B 191 4.22 -2.58 10.30
CA ALA B 191 5.29 -2.62 9.29
C ALA B 191 5.88 -4.03 9.19
N LYS B 192 5.83 -4.76 10.29
CA LYS B 192 6.37 -6.12 10.35
C LYS B 192 7.87 -6.15 10.06
N VAL B 193 8.63 -5.36 10.83
CA VAL B 193 10.09 -5.27 10.69
C VAL B 193 10.74 -6.64 10.97
N THR B 194 11.74 -7.00 10.17
CA THR B 194 12.43 -8.30 10.31
C THR B 194 13.91 -8.19 10.71
N PRO B 195 14.48 -9.29 11.25
CA PRO B 195 15.88 -9.34 11.68
C PRO B 195 16.88 -9.00 10.58
N GLY B 196 17.82 -8.11 10.87
CA GLY B 196 18.81 -7.71 9.90
C GLY B 196 18.42 -6.62 8.91
N SER B 197 17.19 -6.13 8.97
CA SER B 197 16.75 -5.09 8.02
C SER B 197 17.23 -3.68 8.37
N THR B 198 16.94 -2.74 7.47
CA THR B 198 17.29 -1.32 7.67
C THR B 198 15.99 -0.51 7.69
N CYS B 199 15.85 0.40 8.65
CA CYS B 199 14.63 1.22 8.79
C CYS B 199 14.92 2.73 8.88
N ALA B 200 13.88 3.53 8.70
CA ALA B 200 13.95 4.99 8.81
C ALA B 200 12.68 5.48 9.54
N VAL B 201 12.86 6.29 10.58
CA VAL B 201 11.76 6.85 11.38
C VAL B 201 11.75 8.39 11.33
N PHE B 202 10.65 8.97 10.82
CA PHE B 202 10.50 10.44 10.72
C PHE B 202 9.65 10.99 11.87
N GLY B 203 10.22 11.91 12.65
CA GLY B 203 9.51 12.49 13.77
C GLY B 203 10.01 11.82 15.05
N LEU B 204 10.60 12.59 15.96
CA LEU B 204 11.15 12.00 17.18
C LEU B 204 10.50 12.39 18.52
N GLY B 205 9.16 12.41 18.54
CA GLY B 205 8.43 12.70 19.76
C GLY B 205 8.21 11.35 20.43
N CYS B 206 7.27 11.26 21.36
CA CYS B 206 6.98 9.99 22.05
C CYS B 206 6.74 8.81 21.10
N VAL B 207 5.93 9.03 20.06
CA VAL B 207 5.58 7.98 19.12
C VAL B 207 6.74 7.47 18.28
N GLY B 208 7.53 8.39 17.73
CA GLY B 208 8.69 7.99 16.94
C GLY B 208 9.76 7.29 17.78
N LEU B 209 9.99 7.76 19.00
CA LEU B 209 10.98 7.13 19.86
C LEU B 209 10.58 5.69 20.19
N SER B 210 9.28 5.48 20.40
CA SER B 210 8.76 4.15 20.70
C SER B 210 8.87 3.23 19.48
N ALA B 211 8.86 3.83 18.29
CA ALA B 211 9.00 3.07 17.04
C ALA B 211 10.45 2.60 16.91
N ILE B 212 11.38 3.41 17.39
CA ILE B 212 12.79 3.04 17.37
C ILE B 212 12.98 1.88 18.35
N ILE B 213 12.32 1.97 19.51
CA ILE B 213 12.40 0.90 20.51
C ILE B 213 11.88 -0.40 19.88
N GLY B 214 10.80 -0.29 19.12
CA GLY B 214 10.20 -1.44 18.46
C GLY B 214 11.06 -2.03 17.35
N CYS B 215 11.70 -1.17 16.56
CA CYS B 215 12.56 -1.61 15.47
C CYS B 215 13.72 -2.43 16.05
N LYS B 216 14.32 -1.91 17.13
CA LYS B 216 15.45 -2.59 17.76
C LYS B 216 15.06 -3.97 18.30
N ILE B 217 13.93 -4.04 18.99
CA ILE B 217 13.47 -5.31 19.55
C ILE B 217 13.12 -6.34 18.46
N ALA B 218 12.69 -5.85 17.30
CA ALA B 218 12.36 -6.75 16.19
C ALA B 218 13.63 -7.31 15.53
N GLY B 219 14.79 -6.67 15.78
CA GLY B 219 16.03 -7.16 15.22
C GLY B 219 16.70 -6.37 14.11
N ALA B 220 16.18 -5.19 13.79
CA ALA B 220 16.76 -4.36 12.73
C ALA B 220 18.24 -4.13 12.96
N SER B 221 19.03 -4.13 11.89
CA SER B 221 20.47 -3.91 12.01
C SER B 221 20.88 -2.44 11.89
N ARG B 222 20.03 -1.62 11.28
CA ARG B 222 20.31 -0.19 11.10
C ARG B 222 19.02 0.63 11.30
N ILE B 223 19.13 1.73 12.06
CA ILE B 223 17.99 2.61 12.35
C ILE B 223 18.33 4.10 12.15
N ILE B 224 17.78 4.72 11.11
CA ILE B 224 18.03 6.14 10.80
C ILE B 224 16.92 7.04 11.37
N ALA B 225 17.33 8.04 12.17
CA ALA B 225 16.38 8.97 12.79
C ALA B 225 16.38 10.36 12.12
N ILE B 226 15.20 10.86 11.76
CA ILE B 226 15.07 12.16 11.10
C ILE B 226 14.13 13.14 11.86
N ASP B 227 14.60 14.38 12.09
CA ASP B 227 13.79 15.41 12.76
C ASP B 227 14.35 16.79 12.42
N ILE B 228 13.47 17.80 12.36
CA ILE B 228 13.92 19.15 12.06
C ILE B 228 14.41 19.88 13.31
N ASN B 229 14.25 19.25 14.48
CA ASN B 229 14.70 19.84 15.75
C ASN B 229 15.86 19.00 16.31
N GLY B 230 17.07 19.52 16.16
CA GLY B 230 18.27 18.81 16.63
C GLY B 230 18.37 18.41 18.09
N GLU B 231 17.60 19.07 18.97
CA GLU B 231 17.65 18.74 20.39
C GLU B 231 17.00 17.39 20.68
N LYS B 232 16.37 16.81 19.67
CA LYS B 232 15.70 15.52 19.82
C LYS B 232 16.65 14.35 19.62
N PHE B 233 17.86 14.61 19.12
CA PHE B 233 18.82 13.54 18.85
C PHE B 233 19.42 12.75 20.02
N PRO B 234 19.87 13.43 21.09
CA PRO B 234 20.45 12.69 22.22
C PRO B 234 19.60 11.54 22.76
N LYS B 235 18.30 11.75 22.84
CA LYS B 235 17.41 10.71 23.34
C LYS B 235 17.28 9.59 22.29
N ALA B 236 17.30 9.96 21.02
CA ALA B 236 17.19 8.98 19.94
C ALA B 236 18.33 7.96 20.00
N LYS B 237 19.56 8.46 20.16
CA LYS B 237 20.72 7.59 20.22
C LYS B 237 20.69 6.72 21.48
N ALA B 238 20.25 7.29 22.59
CA ALA B 238 20.16 6.53 23.84
C ALA B 238 19.22 5.33 23.69
N LEU B 239 18.26 5.43 22.77
CA LEU B 239 17.29 4.36 22.56
C LEU B 239 17.51 3.41 21.37
N GLY B 240 18.58 3.61 20.59
CA GLY B 240 18.82 2.71 19.47
C GLY B 240 19.18 3.24 18.09
N ALA B 241 19.08 4.55 17.88
CA ALA B 241 19.41 5.14 16.57
C ALA B 241 20.89 4.98 16.20
N THR B 242 21.17 4.60 14.95
CA THR B 242 22.55 4.43 14.49
C THR B 242 23.04 5.61 13.64
N ASP B 243 22.12 6.33 13.01
CA ASP B 243 22.46 7.51 12.20
C ASP B 243 21.35 8.56 12.43
N CYS B 244 21.69 9.84 12.33
CA CYS B 244 20.72 10.92 12.53
C CYS B 244 20.84 11.99 11.42
N LEU B 245 19.72 12.55 10.98
CA LEU B 245 19.73 13.59 9.91
C LEU B 245 18.73 14.72 10.18
N ASN B 246 19.14 15.96 9.90
CA ASN B 246 18.28 17.14 10.09
C ASN B 246 18.10 17.80 8.72
N PRO B 247 16.88 17.69 8.14
CA PRO B 247 16.55 18.26 6.83
C PRO B 247 16.97 19.72 6.61
N ARG B 248 16.88 20.51 7.66
CA ARG B 248 17.23 21.92 7.60
C ARG B 248 18.73 22.20 7.49
N GLU B 249 19.54 21.16 7.62
CA GLU B 249 20.99 21.33 7.54
C GLU B 249 21.62 20.54 6.39
N LEU B 250 20.77 20.14 5.44
CA LEU B 250 21.19 19.38 4.27
C LEU B 250 20.75 20.17 3.02
N ASP B 251 21.61 20.25 2.01
CA ASP B 251 21.25 20.96 0.79
C ASP B 251 20.32 20.13 -0.10
N LYS B 252 20.58 18.83 -0.20
CA LYS B 252 19.74 17.95 -1.01
C LYS B 252 18.51 17.52 -0.22
N PRO B 253 17.41 17.16 -0.90
CA PRO B 253 16.21 16.73 -0.18
C PRO B 253 16.61 15.54 0.71
N VAL B 254 16.06 15.46 1.91
CA VAL B 254 16.43 14.40 2.82
C VAL B 254 16.26 12.97 2.26
N GLN B 255 15.26 12.74 1.42
CA GLN B 255 15.09 11.40 0.86
C GLN B 255 16.25 11.02 -0.06
N ASP B 256 16.84 12.01 -0.73
CA ASP B 256 17.98 11.70 -1.61
C ASP B 256 19.24 11.41 -0.79
N VAL B 257 19.37 12.03 0.38
CA VAL B 257 20.53 11.75 1.23
C VAL B 257 20.44 10.32 1.76
N ILE B 258 19.24 9.89 2.17
CA ILE B 258 19.04 8.54 2.72
C ILE B 258 19.34 7.46 1.67
N THR B 259 18.87 7.68 0.45
CA THR B 259 19.08 6.77 -0.66
C THR B 259 20.57 6.58 -0.96
N GLU B 260 21.34 7.67 -0.89
CA GLU B 260 22.78 7.62 -1.15
C GLU B 260 23.61 6.99 -0.02
N LEU B 261 23.17 7.18 1.23
CA LEU B 261 23.88 6.63 2.37
C LEU B 261 23.64 5.12 2.51
N THR B 262 22.59 4.62 1.86
CA THR B 262 22.24 3.21 1.91
C THR B 262 22.38 2.48 0.57
N ALA B 263 22.83 3.20 -0.46
CA ALA B 263 23.02 2.65 -1.79
C ALA B 263 21.73 2.07 -2.39
N GLY B 264 20.63 2.81 -2.25
CA GLY B 264 19.37 2.34 -2.81
C GLY B 264 18.11 2.51 -1.96
N GLY B 265 18.26 2.84 -0.67
CA GLY B 265 17.08 3.02 0.16
C GLY B 265 16.95 2.03 1.32
N VAL B 266 15.89 2.18 2.11
CA VAL B 266 15.63 1.31 3.27
C VAL B 266 14.55 0.26 3.04
N ASP B 267 14.53 -0.78 3.89
CA ASP B 267 13.52 -1.84 3.77
C ASP B 267 12.17 -1.38 4.35
N TYR B 268 12.19 -0.65 5.47
CA TYR B 268 10.95 -0.19 6.12
C TYR B 268 11.03 1.28 6.57
N SER B 269 10.01 2.09 6.26
CA SER B 269 10.00 3.47 6.74
C SER B 269 8.72 3.67 7.55
N LEU B 270 8.78 4.55 8.56
CA LEU B 270 7.63 4.86 9.41
C LEU B 270 7.50 6.37 9.64
N ASP B 271 6.38 6.96 9.20
CA ASP B 271 6.18 8.40 9.37
C ASP B 271 5.41 8.70 10.64
N CYS B 272 6.14 9.20 11.64
CA CYS B 272 5.56 9.55 12.92
C CYS B 272 5.49 11.07 13.09
N ALA B 273 5.33 11.78 11.96
CA ALA B 273 5.23 13.24 11.93
C ALA B 273 3.92 13.60 11.23
N GLY B 274 3.77 13.13 10.00
CA GLY B 274 2.54 13.35 9.24
C GLY B 274 2.34 14.61 8.42
N THR B 275 3.42 15.27 7.99
CA THR B 275 3.27 16.48 7.17
C THR B 275 3.30 16.07 5.70
N ALA B 276 2.87 16.98 4.83
CA ALA B 276 2.87 16.67 3.40
C ALA B 276 4.28 16.32 2.93
N GLN B 277 5.29 16.96 3.51
CA GLN B 277 6.68 16.69 3.12
C GLN B 277 7.22 15.36 3.64
N THR B 278 6.87 14.99 4.87
CA THR B 278 7.32 13.73 5.42
C THR B 278 6.67 12.53 4.72
N LEU B 279 5.38 12.63 4.43
CA LEU B 279 4.68 11.54 3.76
C LEU B 279 5.30 11.22 2.39
N LYS B 280 5.66 12.26 1.64
CA LYS B 280 6.29 12.09 0.32
C LYS B 280 7.69 11.50 0.43
N ALA B 281 8.45 11.98 1.41
CA ALA B 281 9.81 11.49 1.63
C ALA B 281 9.84 10.04 2.12
N ALA B 282 8.89 9.68 2.99
CA ALA B 282 8.83 8.32 3.54
C ALA B 282 8.67 7.28 2.44
N VAL B 283 7.90 7.62 1.42
CA VAL B 283 7.70 6.71 0.28
C VAL B 283 8.96 6.68 -0.59
N ASP B 284 9.49 7.87 -0.90
CA ASP B 284 10.67 7.97 -1.75
C ASP B 284 11.94 7.26 -1.26
N CYS B 285 12.17 7.27 0.06
CA CYS B 285 13.39 6.66 0.61
C CYS B 285 13.40 5.13 0.77
N THR B 286 12.37 4.45 0.29
CA THR B 286 12.32 2.98 0.38
C THR B 286 12.92 2.37 -0.89
N VAL B 287 13.42 1.13 -0.79
CA VAL B 287 14.02 0.44 -1.93
C VAL B 287 12.98 -0.01 -2.94
N LEU B 288 13.42 -0.27 -4.17
CA LEU B 288 12.52 -0.77 -5.21
C LEU B 288 12.30 -2.26 -4.93
N GLY B 289 11.26 -2.83 -5.54
CA GLY B 289 10.98 -4.24 -5.38
C GLY B 289 10.14 -4.62 -4.18
N TRP B 290 10.60 -4.24 -2.98
CA TRP B 290 9.88 -4.59 -1.75
C TRP B 290 9.80 -3.50 -0.67
N GLY B 291 10.15 -2.26 -1.01
CA GLY B 291 10.08 -1.19 -0.03
C GLY B 291 8.70 -0.98 0.58
N SER B 292 8.62 -0.85 1.91
CA SER B 292 7.35 -0.67 2.62
C SER B 292 7.27 0.63 3.46
N CYS B 293 6.18 1.38 3.30
CA CYS B 293 5.95 2.64 4.03
C CYS B 293 4.71 2.53 4.93
N THR B 294 4.87 2.80 6.23
CA THR B 294 3.76 2.71 7.18
C THR B 294 3.41 4.08 7.77
N VAL B 295 2.15 4.49 7.61
CA VAL B 295 1.66 5.77 8.12
C VAL B 295 1.18 5.68 9.58
N VAL B 296 1.71 6.57 10.42
CA VAL B 296 1.33 6.62 11.84
C VAL B 296 0.78 8.02 12.18
N GLY B 297 1.59 9.05 11.95
CA GLY B 297 1.15 10.42 12.22
C GLY B 297 0.35 10.92 11.02
N ALA B 298 -0.49 11.93 11.23
CA ALA B 298 -1.30 12.47 10.14
C ALA B 298 -1.83 13.88 10.39
N LYS B 299 -1.10 14.88 9.87
CA LYS B 299 -1.50 16.27 10.04
C LYS B 299 -2.34 16.77 8.87
N VAL B 300 -2.28 16.07 7.75
CA VAL B 300 -3.05 16.44 6.56
C VAL B 300 -4.05 15.31 6.26
N ASP B 301 -5.09 15.61 5.50
CA ASP B 301 -6.11 14.61 5.18
C ASP B 301 -5.77 13.70 4.00
N GLU B 302 -4.82 14.11 3.16
CA GLU B 302 -4.49 13.29 1.99
C GLU B 302 -2.98 13.09 1.76
N MET B 303 -2.66 12.16 0.86
CA MET B 303 -1.28 11.89 0.47
C MET B 303 -1.35 11.51 -1.00
N THR B 304 -0.36 11.93 -1.79
CA THR B 304 -0.36 11.62 -3.21
C THR B 304 0.77 10.70 -3.62
N ILE B 305 0.42 9.58 -4.23
CA ILE B 305 1.39 8.57 -4.65
C ILE B 305 1.52 8.42 -6.15
N PRO B 306 2.77 8.42 -6.68
CA PRO B 306 3.00 8.27 -8.12
C PRO B 306 2.68 6.88 -8.60
N THR B 307 2.05 6.78 -9.76
CA THR B 307 1.66 5.48 -10.28
C THR B 307 2.81 4.52 -10.52
N VAL B 308 3.93 5.07 -11.00
CA VAL B 308 5.14 4.31 -11.29
C VAL B 308 5.77 3.61 -10.08
N ASP B 309 5.68 4.26 -8.93
CA ASP B 309 6.26 3.71 -7.70
C ASP B 309 5.62 2.42 -7.22
N VAL B 310 4.29 2.32 -7.29
CA VAL B 310 3.61 1.11 -6.85
C VAL B 310 3.86 -0.01 -7.86
N ILE B 311 3.88 0.35 -9.14
CA ILE B 311 4.14 -0.63 -10.21
C ILE B 311 5.54 -1.23 -10.03
N LEU B 312 6.49 -0.43 -9.57
CA LEU B 312 7.86 -0.89 -9.37
C LEU B 312 8.16 -1.51 -7.99
N GLY B 313 7.12 -1.95 -7.27
CA GLY B 313 7.35 -2.61 -5.99
C GLY B 313 7.14 -1.97 -4.63
N ARG B 314 6.92 -0.66 -4.55
CA ARG B 314 6.71 -0.03 -3.25
C ARG B 314 5.26 -0.21 -2.77
N SER B 315 5.06 -0.39 -1.46
CA SER B 315 3.70 -0.56 -0.92
C SER B 315 3.42 0.39 0.26
N ILE B 316 2.14 0.63 0.53
CA ILE B 316 1.74 1.53 1.62
C ILE B 316 0.64 0.96 2.52
N ASN B 317 0.76 1.20 3.83
CA ASN B 317 -0.26 0.79 4.81
C ASN B 317 -0.26 1.76 6.02
N GLY B 318 -1.12 1.52 7.00
CA GLY B 318 -1.20 2.40 8.17
C GLY B 318 -1.62 1.72 9.47
N THR B 319 -1.27 2.32 10.61
CA THR B 319 -1.57 1.74 11.93
C THR B 319 -2.70 2.41 12.73
N PHE B 320 -3.32 1.62 13.62
CA PHE B 320 -4.39 2.07 14.51
C PHE B 320 -4.05 1.50 15.88
N PHE B 321 -3.62 2.35 16.80
CA PHE B 321 -3.22 1.90 18.13
C PHE B 321 -2.19 0.77 18.03
N GLY B 322 -1.28 0.90 17.06
CA GLY B 322 -0.22 -0.08 16.89
C GLY B 322 -0.59 -1.49 16.47
N GLY B 323 -1.85 -1.71 16.09
CA GLY B 323 -2.29 -3.03 15.67
C GLY B 323 -2.61 -4.01 16.79
N TRP B 324 -2.57 -3.55 18.04
CA TRP B 324 -2.84 -4.43 19.18
C TRP B 324 -4.31 -4.75 19.49
N LYS B 325 -4.60 -6.01 19.80
CA LYS B 325 -5.95 -6.39 20.22
C LYS B 325 -5.85 -5.84 21.65
N SER B 326 -6.39 -4.64 21.89
CA SER B 326 -6.30 -3.96 23.17
C SER B 326 -6.41 -4.73 24.50
N VAL B 327 -7.59 -5.28 24.78
CA VAL B 327 -7.81 -6.01 26.03
C VAL B 327 -6.86 -7.17 26.29
N ASP B 328 -6.44 -7.85 25.23
CA ASP B 328 -5.55 -8.99 25.40
C ASP B 328 -4.06 -8.69 25.44
N SER B 329 -3.63 -7.57 24.85
CA SER B 329 -2.21 -7.23 24.81
C SER B 329 -1.66 -6.23 25.83
N VAL B 330 -2.48 -5.28 26.27
CA VAL B 330 -2.01 -4.29 27.23
C VAL B 330 -1.39 -4.90 28.49
N PRO B 331 -2.01 -5.95 29.06
CA PRO B 331 -1.41 -6.55 30.25
C PRO B 331 -0.02 -7.11 29.97
N ASN B 332 0.16 -7.68 28.78
CA ASN B 332 1.46 -8.24 28.40
C ASN B 332 2.54 -7.15 28.31
N LEU B 333 2.19 -6.00 27.75
CA LEU B 333 3.15 -4.89 27.64
C LEU B 333 3.61 -4.43 29.03
N VAL B 334 2.71 -4.45 30.00
CA VAL B 334 3.04 -4.05 31.37
C VAL B 334 4.04 -5.07 31.96
N SER B 335 3.83 -6.35 31.66
CA SER B 335 4.73 -7.39 32.15
C SER B 335 6.13 -7.24 31.55
N ASP B 336 6.22 -6.91 30.26
CA ASP B 336 7.52 -6.74 29.62
C ASP B 336 8.31 -5.63 30.33
N TYR B 337 7.64 -4.55 30.68
CA TYR B 337 8.30 -3.44 31.37
C TYR B 337 8.81 -3.88 32.73
N LYS B 338 7.98 -4.65 33.44
CA LYS B 338 8.36 -5.15 34.75
C LYS B 338 9.64 -5.98 34.60
N ASN B 339 9.74 -6.73 33.50
CA ASN B 339 10.92 -7.56 33.26
C ASN B 339 12.05 -6.83 32.53
N LYS B 340 11.95 -5.51 32.46
CA LYS B 340 12.97 -4.68 31.81
C LYS B 340 13.26 -4.92 30.32
N LYS B 341 12.28 -5.37 29.56
CA LYS B 341 12.49 -5.60 28.12
C LYS B 341 12.78 -4.25 27.45
N PHE B 342 12.19 -3.19 28.00
CA PHE B 342 12.41 -1.84 27.51
C PHE B 342 12.24 -0.90 28.71
N ASP B 343 12.65 0.36 28.57
CA ASP B 343 12.58 1.32 29.67
C ASP B 343 11.76 2.60 29.39
N LEU B 344 10.58 2.70 29.99
CA LEU B 344 9.70 3.85 29.80
C LEU B 344 10.10 5.16 30.49
N ASP B 345 10.97 5.08 31.50
CA ASP B 345 11.38 6.29 32.22
C ASP B 345 12.00 7.37 31.32
N LEU B 346 12.63 6.96 30.23
CA LEU B 346 13.26 7.92 29.33
C LEU B 346 12.28 8.75 28.51
N LEU B 347 11.02 8.34 28.50
CA LEU B 347 10.00 9.05 27.74
C LEU B 347 9.31 10.17 28.53
N VAL B 348 9.47 10.17 29.85
CA VAL B 348 8.88 11.21 30.69
C VAL B 348 9.93 12.28 30.97
N THR B 349 9.66 13.51 30.54
CA THR B 349 10.61 14.60 30.74
C THR B 349 10.19 15.66 31.76
N HIS B 350 8.93 15.65 32.19
CA HIS B 350 8.41 16.63 33.15
C HIS B 350 7.22 16.10 33.98
N ALA B 351 6.93 16.77 35.08
CA ALA B 351 5.80 16.44 35.95
C ALA B 351 5.19 17.76 36.43
N LEU B 352 3.87 17.82 36.51
CA LEU B 352 3.17 19.02 36.98
C LEU B 352 1.83 18.68 37.65
N PRO B 353 1.39 19.52 38.58
CA PRO B 353 0.11 19.29 39.27
C PRO B 353 -0.99 19.41 38.22
N PHE B 354 -2.08 18.67 38.40
CA PHE B 354 -3.20 18.71 37.44
C PHE B 354 -3.70 20.13 37.16
N GLU B 355 -3.79 20.97 38.18
CA GLU B 355 -4.28 22.34 38.01
C GLU B 355 -3.44 23.16 37.02
N SER B 356 -2.23 22.71 36.75
CA SER B 356 -1.34 23.41 35.82
C SER B 356 -1.36 22.83 34.41
N ILE B 357 -2.44 22.14 34.07
CA ILE B 357 -2.55 21.52 32.75
C ILE B 357 -2.23 22.46 31.59
N ASN B 358 -2.70 23.70 31.66
CA ASN B 358 -2.43 24.65 30.58
C ASN B 358 -0.94 24.97 30.38
N ASP B 359 -0.13 24.85 31.42
CA ASP B 359 1.31 25.10 31.28
C ASP B 359 1.97 23.89 30.57
N ALA B 360 1.39 22.70 30.74
CA ALA B 360 1.92 21.49 30.08
C ALA B 360 1.65 21.57 28.59
N ILE B 361 0.48 22.11 28.23
CA ILE B 361 0.10 22.27 26.83
C ILE B 361 1.06 23.24 26.14
N ASP B 362 1.33 24.39 26.76
CA ASP B 362 2.24 25.36 26.16
C ASP B 362 3.65 24.79 25.98
N LEU B 363 4.07 23.92 26.89
CA LEU B 363 5.39 23.30 26.81
C LEU B 363 5.49 22.42 25.57
N MET B 364 4.41 21.72 25.27
CA MET B 364 4.38 20.83 24.12
C MET B 364 4.38 21.61 22.81
N LYS B 365 3.68 22.74 22.78
CA LYS B 365 3.62 23.55 21.57
C LYS B 365 4.87 24.34 21.24
N GLU B 366 5.94 24.11 22.01
CA GLU B 366 7.19 24.79 21.77
C GLU B 366 8.29 23.78 21.44
N GLY B 367 7.89 22.52 21.35
CA GLY B 367 8.82 21.45 21.02
C GLY B 367 9.84 21.17 22.12
N LYS B 368 9.55 21.64 23.32
CA LYS B 368 10.45 21.46 24.44
C LYS B 368 10.29 20.16 25.22
N SER B 369 9.24 19.38 24.96
CA SER B 369 9.04 18.15 25.71
C SER B 369 8.64 16.90 24.95
N ILE B 370 8.71 15.75 25.64
CA ILE B 370 8.30 14.47 25.09
C ILE B 370 6.94 14.21 25.73
N ARG B 371 6.93 13.93 27.03
CA ARG B 371 5.69 13.73 27.77
C ARG B 371 5.75 14.34 29.18
N THR B 372 4.68 15.04 29.56
CA THR B 372 4.57 15.65 30.88
C THR B 372 3.48 14.91 31.66
N ILE B 373 3.85 14.29 32.78
CA ILE B 373 2.87 13.56 33.59
C ILE B 373 2.12 14.54 34.50
N LEU B 374 0.79 14.39 34.60
CA LEU B 374 -0.02 15.26 35.48
C LEU B 374 -0.51 14.41 36.67
N THR B 375 -0.21 14.86 37.88
CA THR B 375 -0.58 14.14 39.09
C THR B 375 -1.59 14.87 39.97
N PHE B 376 -2.17 14.15 40.93
CA PHE B 376 -3.14 14.72 41.85
C PHE B 376 -2.60 14.63 43.27
PA NAI C . -7.97 -2.30 -22.94
O1A NAI C . -8.48 -3.41 -23.81
O2A NAI C . -7.97 -1.02 -23.61
O5B NAI C . -8.85 -2.25 -21.58
C5B NAI C . -9.56 -1.10 -21.01
C4B NAI C . -10.96 -1.46 -20.53
O4B NAI C . -11.32 -0.61 -19.37
C3B NAI C . -12.09 -1.28 -21.56
O3B NAI C . -12.99 -2.37 -21.63
C2B NAI C . -12.76 0.01 -21.13
O2B NAI C . -14.13 0.15 -21.49
C1B NAI C . -12.58 -0.01 -19.61
N9A NAI C . -12.72 1.34 -19.00
C8A NAI C . -12.32 2.59 -19.42
N7A NAI C . -12.68 3.58 -18.58
C5A NAI C . -13.36 2.94 -17.57
C6A NAI C . -13.99 3.40 -16.38
N6A NAI C . -14.06 4.68 -16.01
N1A NAI C . -14.59 2.46 -15.58
C2A NAI C . -14.55 1.12 -15.93
N3A NAI C . -14.00 0.61 -17.00
C4A NAI C . -13.40 1.55 -17.80
O3 NAI C . -6.54 -2.69 -22.31
PN NAI C . -5.83 -4.01 -21.76
O1N NAI C . -5.10 -4.70 -22.81
O2N NAI C . -6.82 -4.92 -21.16
O5D NAI C . -4.76 -3.37 -20.72
C5D NAI C . -5.19 -2.65 -19.57
C4D NAI C . -4.16 -1.76 -18.94
O4D NAI C . -3.07 -2.49 -18.27
C3D NAI C . -3.46 -0.76 -19.89
O3D NAI C . -3.51 0.53 -19.31
C2D NAI C . -2.07 -1.40 -20.07
O2D NAI C . -1.08 -0.49 -20.54
C1D NAI C . -1.80 -1.99 -18.71
N1N NAI C . -0.80 -3.08 -18.56
C2N NAI C . 0.00 -3.04 -17.43
C3N NAI C . 0.97 -4.01 -17.19
C7N NAI C . 1.92 -4.06 -15.93
O7N NAI C . 3.00 -4.67 -15.94
N7N NAI C . 1.47 -3.40 -14.83
C4N NAI C . 1.19 -5.10 -18.11
C5N NAI C . 0.34 -5.08 -19.26
C6N NAI C . -0.64 -4.14 -19.55
ZN ZN D . 1.90 -4.77 -23.18
ZN ZN E . 18.93 -9.71 -12.55
PA NAI F . 4.93 15.33 18.66
O1A NAI F . 5.63 15.35 19.97
O2A NAI F . 4.40 16.61 18.27
O5B NAI F . 5.92 14.76 17.51
C5B NAI F . 6.25 15.39 16.23
C4B NAI F . 7.76 15.41 15.99
O4B NAI F . 8.03 15.42 14.53
C3B NAI F . 8.52 16.62 16.57
O3B NAI F . 9.68 16.26 17.29
C2B NAI F . 8.79 17.51 15.36
O2B NAI F . 9.94 18.35 15.48
C1B NAI F . 8.92 16.50 14.22
N9A NAI F . 8.68 17.09 12.87
C8A NAI F . 7.77 18.02 12.41
N7A NAI F . 7.90 18.30 11.08
C5A NAI F . 8.95 17.49 10.67
C6A NAI F . 9.60 17.31 9.41
N6A NAI F . 9.27 17.95 8.28
N1A NAI F . 10.63 16.40 9.35
C2A NAI F . 11.01 15.72 10.50
N3A NAI F . 10.48 15.83 11.70
C4A NAI F . 9.44 16.74 11.75
O3 NAI F . 3.82 14.16 18.63
PN NAI F . 3.75 12.62 19.07
O1N NAI F . 3.25 12.48 20.43
O2N NAI F . 5.06 11.99 18.97
O5D NAI F . 2.62 12.07 18.02
C5D NAI F . 2.86 12.07 16.61
C4D NAI F . 1.68 11.86 15.72
O4D NAI F . 1.09 10.51 15.76
C3D NAI F . 0.49 12.82 15.92
O3D NAI F . 0.12 13.35 14.65
C2D NAI F . -0.56 11.91 16.60
O2D NAI F . -1.88 12.39 16.50
C1D NAI F . -0.32 10.58 15.93
N1N NAI F . -0.78 9.36 16.64
C2N NAI F . -1.38 8.41 15.85
C3N NAI F . -1.84 7.22 16.40
C7N NAI F . -2.55 6.07 15.58
O7N NAI F . -3.22 5.19 16.11
N7N NAI F . -2.35 6.12 14.22
C4N NAI F . -1.72 6.93 17.81
C5N NAI F . -1.09 7.96 18.57
C6N NAI F . -0.60 9.17 18.07
ZN ZN G . -3.19 9.94 21.63
ZN ZN H . -16.04 -5.85 19.33
#